data_2D23
#
_entry.id   2D23
#
_cell.length_a   78.929
_cell.length_b   94.092
_cell.length_c   139.466
_cell.angle_alpha   90.00
_cell.angle_beta   90.00
_cell.angle_gamma   90.00
#
_symmetry.space_group_name_H-M   'P 21 21 21'
#
loop_
_entity.id
_entity.type
_entity.pdbx_description
1 polymer ENDO-1,4-BETA-D-XYLANASE
2 branched alpha-D-xylopyranose-(1-4)-alpha-D-xylopyranose
3 non-polymer 'AZIDE ION'
4 non-polymer GLYCEROL
5 water water
#
_entity_poly.entity_id   1
_entity_poly.type   'polypeptide(L)'
_entity_poly.pdbx_seq_one_letter_code
;AESTLGAAAAQSGRYFGTAIASGKLGDSAYTTIASREFNMVTAENEMKIDATEPQRGQFNFSAGDRVYNWAVQNGKQVRG
HTLAWHSQQPGWMQSLSGSTLRQAMIDHINGVMGHYKGKIAQWDVVSHAFSDDGSGGRRDSNLQRTGNDWIEVAFRTARA
ADPAAKLCYNDYNIENWTWAKTQGVYNMVRDFKQRGVPIDCVGFQSHFNSGSPYNSNFRTTLQNFAALGVDVAITELDIQ
GASSSTYAAVTNDCLAVSRCLGITVWGVRDTDSWRSGDTPLLFNGDGSKKAAYTAVLNALNGGSSTPPPSGGGQIKGVGS
GRCLDVPNASTTDGTQVQLYDCHSATNQQWTYTDAGELRVYGDKCLDAAGTGNGTKVQIYSCWGGDNQKWRLNSDGSIVG
VQSGLCLDAVGGGTANGTLIQLYSCSNGSNQRWTRT
;
_entity_poly.pdbx_strand_id   A,B
#
# COMPACT_ATOMS: atom_id res chain seq x y z
N ALA A 1 4.14 13.65 -31.55
CA ALA A 1 4.79 13.10 -30.32
C ALA A 1 3.72 12.43 -29.47
N GLU A 2 4.05 11.28 -28.90
CA GLU A 2 3.08 10.59 -28.10
C GLU A 2 3.61 9.63 -27.05
N SER A 3 4.85 9.82 -26.61
CA SER A 3 5.42 8.96 -25.58
C SER A 3 5.35 9.64 -24.21
N THR A 4 4.93 10.90 -24.17
CA THR A 4 4.81 11.63 -22.91
C THR A 4 3.43 12.29 -22.83
N LEU A 5 2.93 12.51 -21.62
CA LEU A 5 1.60 13.09 -21.42
C LEU A 5 1.36 14.43 -22.10
N GLY A 6 2.23 15.41 -21.88
CA GLY A 6 2.06 16.72 -22.48
C GLY A 6 2.00 16.65 -24.00
N ALA A 7 2.99 15.99 -24.60
CA ALA A 7 3.07 15.85 -26.05
C ALA A 7 1.82 15.15 -26.60
N ALA A 8 1.34 14.13 -25.90
CA ALA A 8 0.16 13.41 -26.36
C ALA A 8 -1.08 14.31 -26.32
N ALA A 9 -1.21 15.08 -25.24
CA ALA A 9 -2.35 15.98 -25.11
C ALA A 9 -2.30 17.04 -26.20
N ALA A 10 -1.09 17.48 -26.54
CA ALA A 10 -0.90 18.49 -27.57
C ALA A 10 -1.44 18.06 -28.92
N GLN A 11 -1.55 16.75 -29.13
CA GLN A 11 -2.05 16.22 -30.39
C GLN A 11 -3.48 16.68 -30.66
N SER A 12 -4.21 16.99 -29.59
CA SER A 12 -5.58 17.46 -29.75
C SER A 12 -5.70 18.92 -29.32
N GLY A 13 -4.56 19.61 -29.30
CA GLY A 13 -4.54 21.02 -28.95
C GLY A 13 -4.71 21.32 -27.47
N ARG A 14 -4.45 20.33 -26.63
CA ARG A 14 -4.59 20.51 -25.19
C ARG A 14 -3.24 20.41 -24.50
N TYR A 15 -3.27 20.43 -23.17
CA TYR A 15 -2.06 20.32 -22.38
C TYR A 15 -2.30 19.31 -21.28
N PHE A 16 -1.22 18.88 -20.64
CA PHE A 16 -1.32 17.99 -19.49
C PHE A 16 -0.32 18.55 -18.52
N GLY A 17 -0.81 19.06 -17.38
CA GLY A 17 0.09 19.67 -16.43
C GLY A 17 0.14 19.05 -15.06
N THR A 18 0.92 19.67 -14.18
CA THR A 18 1.06 19.22 -12.81
C THR A 18 1.23 20.42 -11.90
N ALA A 19 1.31 20.17 -10.61
CA ALA A 19 1.53 21.22 -9.63
C ALA A 19 3.01 21.09 -9.27
N ILE A 20 3.74 22.20 -9.34
CA ILE A 20 5.17 22.17 -9.02
C ILE A 20 5.43 22.83 -7.66
N ALA A 21 6.25 22.15 -6.84
CA ALA A 21 6.62 22.68 -5.54
C ALA A 21 8.05 23.20 -5.66
N SER A 22 8.25 24.49 -5.41
CA SER A 22 9.58 25.09 -5.51
C SER A 22 10.63 24.36 -4.68
N GLY A 23 10.22 23.85 -3.53
CA GLY A 23 11.15 23.15 -2.66
C GLY A 23 11.68 21.84 -3.23
N LYS A 24 11.08 21.37 -4.31
CA LYS A 24 11.50 20.12 -4.92
C LYS A 24 12.27 20.31 -6.23
N LEU A 25 12.45 21.56 -6.65
CA LEU A 25 13.16 21.82 -7.90
C LEU A 25 14.63 21.44 -7.82
N GLY A 26 15.09 21.11 -6.61
CA GLY A 26 16.48 20.71 -6.43
C GLY A 26 16.61 19.19 -6.49
N ASP A 27 15.47 18.51 -6.55
CA ASP A 27 15.41 17.04 -6.62
C ASP A 27 15.50 16.60 -8.09
N SER A 28 16.62 16.00 -8.48
CA SER A 28 16.83 15.55 -9.86
C SER A 28 15.79 14.56 -10.36
N ALA A 29 15.41 13.60 -9.52
CA ALA A 29 14.42 12.61 -9.91
C ALA A 29 13.08 13.31 -10.19
N TYR A 30 12.75 14.26 -9.34
CA TYR A 30 11.52 15.04 -9.45
C TYR A 30 11.48 15.86 -10.74
N THR A 31 12.49 16.68 -10.96
CA THR A 31 12.52 17.52 -12.16
C THR A 31 12.68 16.72 -13.46
N THR A 32 13.29 15.55 -13.37
CA THR A 32 13.46 14.71 -14.56
C THR A 32 12.09 14.29 -15.08
N ILE A 33 11.22 13.87 -14.17
CA ILE A 33 9.87 13.45 -14.53
C ILE A 33 9.03 14.65 -14.95
N ALA A 34 9.01 15.68 -14.10
CA ALA A 34 8.24 16.89 -14.34
C ALA A 34 8.53 17.60 -15.65
N SER A 35 9.81 17.79 -15.98
CA SER A 35 10.16 18.48 -17.21
C SER A 35 9.83 17.64 -18.45
N ARG A 36 9.94 16.33 -18.31
CA ARG A 36 9.66 15.40 -19.42
C ARG A 36 8.18 15.16 -19.74
N GLU A 37 7.37 15.02 -18.71
CA GLU A 37 5.95 14.69 -18.86
C GLU A 37 4.88 15.76 -18.99
N PHE A 38 5.13 16.96 -18.47
CA PHE A 38 4.12 18.00 -18.49
C PHE A 38 4.43 19.27 -19.28
N ASN A 39 3.39 19.91 -19.83
CA ASN A 39 3.62 21.14 -20.56
C ASN A 39 2.78 22.30 -20.02
N MET A 40 2.30 22.14 -18.79
CA MET A 40 1.55 23.18 -18.09
C MET A 40 1.90 23.03 -16.61
N VAL A 41 2.14 24.16 -15.96
CA VAL A 41 2.53 24.16 -14.56
C VAL A 41 1.69 25.10 -13.70
N THR A 42 1.39 24.65 -12.49
CA THR A 42 0.67 25.46 -11.52
C THR A 42 1.55 25.44 -10.27
N ALA A 43 1.79 26.60 -9.68
CA ALA A 43 2.61 26.66 -8.47
C ALA A 43 1.72 26.09 -7.37
N GLU A 44 2.20 25.07 -6.68
CA GLU A 44 1.39 24.45 -5.64
C GLU A 44 1.04 25.42 -4.51
N ASN A 45 1.94 26.35 -4.19
CA ASN A 45 1.67 27.32 -3.13
C ASN A 45 2.32 28.68 -3.35
N GLU A 46 3.38 28.70 -4.15
CA GLU A 46 4.15 29.91 -4.43
C GLU A 46 3.45 31.16 -4.96
N MET A 47 2.25 31.02 -5.51
CA MET A 47 1.56 32.19 -6.02
C MET A 47 0.31 32.54 -5.23
N LYS A 48 0.15 31.89 -4.08
CA LYS A 48 -1.00 32.16 -3.24
C LYS A 48 -0.81 33.51 -2.56
N ILE A 49 -1.87 34.03 -1.96
CA ILE A 49 -1.84 35.34 -1.32
C ILE A 49 -0.73 35.56 -0.29
N ASP A 50 -0.62 34.66 0.69
CA ASP A 50 0.38 34.79 1.73
C ASP A 50 1.81 34.73 1.18
N ALA A 51 2.02 33.95 0.13
CA ALA A 51 3.35 33.82 -0.45
C ALA A 51 3.75 35.01 -1.33
N THR A 52 2.76 35.67 -1.93
CA THR A 52 3.05 36.81 -2.82
C THR A 52 2.98 38.17 -2.16
N GLU A 53 2.22 38.26 -1.07
CA GLU A 53 2.10 39.54 -0.36
C GLU A 53 2.10 39.28 1.15
N PRO A 54 3.28 38.89 1.69
CA PRO A 54 3.46 38.61 3.12
C PRO A 54 3.09 39.80 4.00
N GLN A 55 3.33 41.01 3.50
CA GLN A 55 3.00 42.23 4.22
C GLN A 55 2.26 43.12 3.23
N ARG A 56 1.14 43.71 3.67
CA ARG A 56 0.36 44.57 2.80
C ARG A 56 1.21 45.56 2.02
N GLY A 57 1.04 45.57 0.70
CA GLY A 57 1.80 46.48 -0.15
C GLY A 57 3.24 46.03 -0.33
N GLN A 58 3.61 44.96 0.37
CA GLN A 58 4.96 44.42 0.30
C GLN A 58 4.89 43.08 -0.44
N PHE A 59 5.07 43.12 -1.75
CA PHE A 59 5.01 41.91 -2.55
C PHE A 59 6.33 41.18 -2.63
N ASN A 60 6.25 39.84 -2.61
CA ASN A 60 7.42 39.00 -2.70
C ASN A 60 7.14 37.92 -3.74
N PHE A 61 7.79 38.03 -4.89
CA PHE A 61 7.59 37.08 -5.97
C PHE A 61 8.77 36.13 -6.13
N SER A 62 9.57 36.01 -5.08
CA SER A 62 10.74 35.14 -5.10
C SER A 62 10.40 33.69 -5.45
N ALA A 63 9.55 33.09 -4.64
CA ALA A 63 9.14 31.71 -4.83
C ALA A 63 8.27 31.54 -6.08
N GLY A 64 7.39 32.51 -6.31
CA GLY A 64 6.52 32.45 -7.46
C GLY A 64 7.29 32.50 -8.77
N ASP A 65 8.27 33.40 -8.86
CA ASP A 65 9.07 33.53 -10.06
C ASP A 65 9.97 32.32 -10.30
N ARG A 66 10.42 31.70 -9.22
CA ARG A 66 11.29 30.54 -9.36
C ARG A 66 10.53 29.42 -10.07
N VAL A 67 9.26 29.26 -9.72
CA VAL A 67 8.41 28.24 -10.34
C VAL A 67 8.08 28.65 -11.77
N TYR A 68 7.64 29.90 -11.93
CA TYR A 68 7.31 30.41 -13.25
C TYR A 68 8.47 30.29 -14.23
N ASN A 69 9.67 30.68 -13.80
CA ASN A 69 10.83 30.61 -14.67
C ASN A 69 11.17 29.17 -15.03
N TRP A 70 11.09 28.27 -14.05
CA TRP A 70 11.38 26.86 -14.31
C TRP A 70 10.41 26.35 -15.37
N ALA A 71 9.14 26.71 -15.23
CA ALA A 71 8.11 26.28 -16.17
C ALA A 71 8.42 26.74 -17.60
N VAL A 72 8.51 28.05 -17.79
CA VAL A 72 8.78 28.59 -19.13
C VAL A 72 10.11 28.10 -19.71
N GLN A 73 11.15 28.03 -18.87
CA GLN A 73 12.45 27.57 -19.34
C GLN A 73 12.40 26.12 -19.81
N ASN A 74 11.42 25.37 -19.30
CA ASN A 74 11.29 23.96 -19.68
C ASN A 74 10.11 23.68 -20.61
N GLY A 75 9.62 24.74 -21.27
CA GLY A 75 8.53 24.59 -22.22
C GLY A 75 7.11 24.43 -21.70
N LYS A 76 6.84 24.90 -20.49
CA LYS A 76 5.48 24.78 -19.95
C LYS A 76 4.83 26.15 -19.76
N GLN A 77 3.53 26.22 -20.01
CA GLN A 77 2.81 27.46 -19.77
C GLN A 77 2.53 27.42 -18.27
N VAL A 78 1.88 28.44 -17.75
CA VAL A 78 1.59 28.50 -16.32
C VAL A 78 0.16 28.91 -15.99
N ARG A 79 -0.42 28.27 -14.98
CA ARG A 79 -1.76 28.62 -14.50
C ARG A 79 -1.50 29.35 -13.19
N GLY A 80 -1.96 30.60 -13.08
CA GLY A 80 -1.78 31.36 -11.86
C GLY A 80 -2.74 30.84 -10.81
N HIS A 81 -2.26 30.63 -9.59
CA HIS A 81 -3.08 30.07 -8.51
C HIS A 81 -2.59 30.59 -7.16
N THR A 82 -3.38 31.38 -6.42
CA THR A 82 -4.73 31.84 -6.75
C THR A 82 -4.77 33.30 -6.27
N LEU A 83 -5.60 34.13 -6.91
CA LEU A 83 -5.65 35.55 -6.56
C LEU A 83 -6.55 36.01 -5.40
N ALA A 84 -7.72 35.41 -5.25
CA ALA A 84 -8.63 35.81 -4.19
C ALA A 84 -9.46 34.67 -3.62
N TRP A 85 -9.19 34.33 -2.36
CA TRP A 85 -9.91 33.27 -1.68
C TRP A 85 -9.69 33.35 -0.17
N HIS A 86 -10.53 32.66 0.59
CA HIS A 86 -10.47 32.68 2.04
C HIS A 86 -9.29 31.95 2.68
N SER A 87 -8.78 30.93 2.00
CA SER A 87 -7.69 30.13 2.56
C SER A 87 -6.28 30.68 2.35
N GLN A 88 -5.38 30.30 3.26
CA GLN A 88 -3.98 30.70 3.23
C GLN A 88 -3.74 32.19 3.04
N GLN A 89 -4.54 33.02 3.70
CA GLN A 89 -4.36 34.46 3.62
C GLN A 89 -3.27 34.88 4.60
N PRO A 90 -2.50 35.92 4.27
CA PRO A 90 -1.44 36.37 5.18
C PRO A 90 -2.06 36.98 6.42
N GLY A 91 -1.30 36.97 7.51
CA GLY A 91 -1.78 37.53 8.77
C GLY A 91 -2.49 38.86 8.65
N TRP A 92 -1.82 39.85 8.08
CA TRP A 92 -2.40 41.18 7.94
C TRP A 92 -3.75 41.16 7.23
N MET A 93 -3.88 40.36 6.17
CA MET A 93 -5.14 40.29 5.43
C MET A 93 -6.24 39.59 6.22
N GLN A 94 -5.86 38.62 7.05
CA GLN A 94 -6.85 37.91 7.85
C GLN A 94 -7.53 38.82 8.86
N SER A 95 -6.81 39.84 9.31
CA SER A 95 -7.35 40.78 10.28
C SER A 95 -8.09 41.94 9.62
N LEU A 96 -8.26 41.87 8.30
CA LEU A 96 -8.97 42.92 7.58
C LEU A 96 -10.43 42.55 7.34
N SER A 97 -11.25 43.56 7.06
CA SER A 97 -12.67 43.35 6.82
C SER A 97 -13.29 44.56 6.14
N GLY A 98 -14.54 44.42 5.70
CA GLY A 98 -15.23 45.52 5.04
C GLY A 98 -14.53 46.11 3.83
N SER A 99 -14.79 47.40 3.60
CA SER A 99 -14.21 48.12 2.48
C SER A 99 -12.69 48.04 2.44
N THR A 100 -12.06 48.00 3.60
CA THR A 100 -10.61 47.92 3.66
C THR A 100 -10.14 46.56 3.14
N LEU A 101 -10.97 45.54 3.31
CA LEU A 101 -10.64 44.21 2.82
C LEU A 101 -10.84 44.17 1.31
N ARG A 102 -11.96 44.72 0.85
CA ARG A 102 -12.27 44.76 -0.58
C ARG A 102 -11.12 45.47 -1.30
N GLN A 103 -10.67 46.58 -0.74
CA GLN A 103 -9.59 47.34 -1.33
C GLN A 103 -8.30 46.52 -1.31
N ALA A 104 -8.10 45.77 -0.24
CA ALA A 104 -6.91 44.93 -0.10
C ALA A 104 -6.95 43.83 -1.15
N MET A 105 -8.14 43.28 -1.38
CA MET A 105 -8.32 42.23 -2.36
C MET A 105 -7.99 42.75 -3.76
N ILE A 106 -8.51 43.93 -4.07
CA ILE A 106 -8.28 44.56 -5.36
C ILE A 106 -6.81 44.89 -5.53
N ASP A 107 -6.20 45.41 -4.47
CA ASP A 107 -4.78 45.77 -4.53
C ASP A 107 -3.91 44.53 -4.74
N HIS A 108 -4.29 43.42 -4.11
CA HIS A 108 -3.53 42.19 -4.25
C HIS A 108 -3.59 41.69 -5.68
N ILE A 109 -4.79 41.70 -6.27
CA ILE A 109 -4.97 41.26 -7.64
C ILE A 109 -4.11 42.09 -8.58
N ASN A 110 -4.21 43.42 -8.48
CA ASN A 110 -3.44 44.30 -9.34
C ASN A 110 -1.94 44.10 -9.18
N GLY A 111 -1.50 43.88 -7.95
CA GLY A 111 -0.08 43.68 -7.71
C GLY A 111 0.47 42.40 -8.31
N VAL A 112 -0.22 41.29 -8.07
CA VAL A 112 0.23 40.00 -8.58
C VAL A 112 0.10 39.90 -10.10
N MET A 113 -1.08 40.19 -10.63
CA MET A 113 -1.29 40.12 -12.06
C MET A 113 -0.39 41.12 -12.80
N GLY A 114 -0.16 42.27 -12.18
CA GLY A 114 0.69 43.26 -12.81
C GLY A 114 2.10 42.71 -12.98
N HIS A 115 2.58 42.01 -11.95
CA HIS A 115 3.91 41.43 -11.97
C HIS A 115 4.06 40.40 -13.10
N TYR A 116 3.02 39.59 -13.32
CA TYR A 116 3.03 38.55 -14.35
C TYR A 116 2.25 38.91 -15.62
N LYS A 117 1.95 40.20 -15.80
CA LYS A 117 1.17 40.62 -16.96
C LYS A 117 1.64 40.06 -18.30
N GLY A 118 0.71 39.38 -18.99
CA GLY A 118 1.00 38.80 -20.28
C GLY A 118 1.79 37.51 -20.31
N LYS A 119 2.14 36.99 -19.15
CA LYS A 119 2.92 35.76 -19.07
C LYS A 119 2.14 34.57 -18.53
N ILE A 120 0.88 34.78 -18.17
CA ILE A 120 0.05 33.72 -17.60
C ILE A 120 -1.09 33.30 -18.53
N ALA A 121 -1.20 32.00 -18.78
CA ALA A 121 -2.25 31.47 -19.65
C ALA A 121 -3.62 31.55 -18.99
N GLN A 122 -3.69 31.13 -17.74
CA GLN A 122 -4.92 31.13 -16.98
C GLN A 122 -4.64 31.55 -15.54
N TRP A 123 -5.59 32.28 -14.96
CA TRP A 123 -5.51 32.71 -13.58
C TRP A 123 -6.73 32.19 -12.83
N ASP A 124 -6.52 31.58 -11.67
CA ASP A 124 -7.65 31.15 -10.87
C ASP A 124 -7.87 32.43 -10.06
N VAL A 125 -8.74 33.31 -10.57
CA VAL A 125 -9.01 34.56 -9.89
C VAL A 125 -9.67 34.33 -8.53
N VAL A 126 -10.75 33.58 -8.54
CA VAL A 126 -11.48 33.26 -7.31
C VAL A 126 -11.62 31.75 -7.17
N SER A 127 -11.53 31.25 -5.94
CA SER A 127 -11.67 29.82 -5.70
C SER A 127 -12.30 29.54 -4.34
N HIS A 128 -12.88 28.36 -4.19
CA HIS A 128 -13.51 27.95 -2.94
C HIS A 128 -14.56 28.94 -2.44
N ALA A 129 -15.31 29.53 -3.36
CA ALA A 129 -16.31 30.52 -2.99
C ALA A 129 -17.65 29.93 -2.54
N PHE A 130 -17.87 28.64 -2.79
CA PHE A 130 -19.12 28.02 -2.39
C PHE A 130 -19.02 27.03 -1.24
N SER A 131 -20.12 26.89 -0.51
CA SER A 131 -20.19 26.00 0.65
C SER A 131 -20.43 24.54 0.33
N ASP A 132 -20.15 23.68 1.30
CA ASP A 132 -20.35 22.24 1.16
C ASP A 132 -21.54 21.78 2.00
N ASP A 133 -22.24 22.74 2.61
CA ASP A 133 -23.39 22.41 3.45
C ASP A 133 -24.59 21.87 2.68
N GLY A 134 -24.47 21.80 1.36
CA GLY A 134 -25.57 21.29 0.55
C GLY A 134 -26.65 22.29 0.22
N SER A 135 -26.45 23.55 0.60
CA SER A 135 -27.43 24.59 0.34
C SER A 135 -27.25 25.15 -1.08
N GLY A 136 -26.00 25.16 -1.53
CA GLY A 136 -25.69 25.67 -2.86
C GLY A 136 -25.36 27.14 -2.83
N GLY A 137 -25.07 27.67 -1.64
CA GLY A 137 -24.75 29.08 -1.52
C GLY A 137 -23.28 29.35 -1.26
N ARG A 138 -22.95 30.62 -1.05
CA ARG A 138 -21.57 31.04 -0.80
C ARG A 138 -21.13 30.60 0.59
N ARG A 139 -19.83 30.44 0.78
CA ARG A 139 -19.32 30.07 2.09
C ARG A 139 -19.04 31.36 2.84
N ASP A 140 -19.36 31.39 4.14
CA ASP A 140 -19.13 32.57 4.95
C ASP A 140 -17.65 32.84 5.13
N SER A 141 -17.16 33.90 4.51
CA SER A 141 -15.74 34.25 4.61
C SER A 141 -15.56 35.76 4.71
N ASN A 142 -14.40 36.18 5.18
CA ASN A 142 -14.08 37.60 5.32
C ASN A 142 -14.38 38.29 4.00
N LEU A 143 -13.98 37.65 2.89
CA LEU A 143 -14.20 38.21 1.57
C LEU A 143 -15.69 38.29 1.24
N GLN A 144 -16.43 37.23 1.53
CA GLN A 144 -17.86 37.19 1.27
C GLN A 144 -18.60 38.26 2.07
N ARG A 145 -18.12 38.52 3.29
CA ARG A 145 -18.76 39.52 4.15
C ARG A 145 -18.61 40.95 3.63
N THR A 146 -17.65 41.18 2.74
CA THR A 146 -17.45 42.51 2.20
C THR A 146 -18.56 42.83 1.22
N GLY A 147 -19.31 41.80 0.82
CA GLY A 147 -20.39 41.97 -0.13
C GLY A 147 -20.42 40.82 -1.12
N ASN A 148 -21.63 40.38 -1.47
CA ASN A 148 -21.81 39.28 -2.41
C ASN A 148 -21.18 39.53 -3.78
N ASP A 149 -20.97 40.79 -4.11
CA ASP A 149 -20.42 41.16 -5.41
C ASP A 149 -18.90 41.06 -5.47
N TRP A 150 -18.27 40.58 -4.41
CA TRP A 150 -16.81 40.50 -4.41
C TRP A 150 -16.26 39.65 -5.54
N ILE A 151 -16.94 38.56 -5.88
CA ILE A 151 -16.48 37.69 -6.96
C ILE A 151 -16.46 38.47 -8.28
N GLU A 152 -17.57 39.12 -8.61
CA GLU A 152 -17.67 39.90 -9.83
C GLU A 152 -16.60 40.99 -9.85
N VAL A 153 -16.44 41.70 -8.73
CA VAL A 153 -15.45 42.76 -8.63
C VAL A 153 -14.04 42.24 -8.90
N ALA A 154 -13.75 41.04 -8.39
CA ALA A 154 -12.44 40.44 -8.56
C ALA A 154 -12.17 40.18 -10.04
N PHE A 155 -13.15 39.63 -10.75
CA PHE A 155 -13.00 39.34 -12.17
C PHE A 155 -12.83 40.60 -13.01
N ARG A 156 -13.64 41.63 -12.73
CA ARG A 156 -13.52 42.87 -13.48
C ARG A 156 -12.13 43.47 -13.23
N THR A 157 -11.68 43.39 -11.99
CA THR A 157 -10.36 43.92 -11.63
C THR A 157 -9.29 43.16 -12.41
N ALA A 158 -9.44 41.84 -12.44
CA ALA A 158 -8.47 40.98 -13.13
C ALA A 158 -8.39 41.26 -14.63
N ARG A 159 -9.56 41.39 -15.27
CA ARG A 159 -9.59 41.66 -16.70
C ARG A 159 -8.81 42.91 -17.05
N ALA A 160 -8.99 43.97 -16.26
CA ALA A 160 -8.31 45.22 -16.50
C ALA A 160 -6.81 45.12 -16.23
N ALA A 161 -6.44 44.37 -15.21
CA ALA A 161 -5.04 44.19 -14.84
C ALA A 161 -4.24 43.44 -15.91
N ASP A 162 -4.86 42.44 -16.52
CA ASP A 162 -4.20 41.67 -17.57
C ASP A 162 -5.23 41.09 -18.53
N PRO A 163 -5.59 41.85 -19.57
CA PRO A 163 -6.58 41.41 -20.57
C PRO A 163 -6.19 40.16 -21.35
N ALA A 164 -4.92 39.76 -21.27
CA ALA A 164 -4.45 38.61 -22.01
C ALA A 164 -4.63 37.26 -21.31
N ALA A 165 -4.89 37.30 -20.01
CA ALA A 165 -5.06 36.07 -19.24
C ALA A 165 -6.49 35.56 -19.21
N LYS A 166 -6.66 34.25 -19.35
CA LYS A 166 -7.99 33.68 -19.27
C LYS A 166 -8.31 33.64 -17.78
N LEU A 167 -9.46 34.18 -17.40
CA LEU A 167 -9.84 34.25 -16.00
C LEU A 167 -10.79 33.12 -15.62
N CYS A 168 -10.38 32.29 -14.66
CA CYS A 168 -11.20 31.15 -14.22
C CYS A 168 -11.71 31.26 -12.79
N TYR A 169 -12.83 30.60 -12.54
CA TYR A 169 -13.39 30.50 -11.21
C TYR A 169 -13.06 29.03 -10.91
N ASN A 170 -12.38 28.76 -9.81
CA ASN A 170 -11.96 27.41 -9.47
C ASN A 170 -12.58 26.88 -8.17
N ASP A 171 -13.03 25.63 -8.17
CA ASP A 171 -13.63 25.04 -6.98
C ASP A 171 -13.58 23.51 -7.00
N TYR A 172 -13.93 22.90 -5.87
CA TYR A 172 -13.94 21.45 -5.75
C TYR A 172 -15.36 20.98 -5.43
N ASN A 173 -15.60 19.69 -5.62
CA ASN A 173 -16.91 19.09 -5.40
C ASN A 173 -18.00 19.74 -6.25
N ILE A 174 -17.62 20.18 -7.44
CA ILE A 174 -18.56 20.78 -8.38
C ILE A 174 -18.50 19.97 -9.68
N GLU A 175 -18.04 18.72 -9.57
CA GLU A 175 -17.91 17.81 -10.71
C GLU A 175 -19.18 17.00 -10.98
N ASN A 176 -19.86 16.59 -9.93
CA ASN A 176 -21.08 15.80 -10.06
C ASN A 176 -22.24 16.75 -10.34
N TRP A 177 -22.81 16.65 -11.53
CA TRP A 177 -23.91 17.52 -11.93
C TRP A 177 -25.11 17.57 -11.00
N THR A 178 -25.35 16.50 -10.23
CA THR A 178 -26.51 16.47 -9.34
C THR A 178 -26.31 17.16 -7.99
N TRP A 179 -25.08 17.54 -7.67
CA TRP A 179 -24.82 18.21 -6.40
C TRP A 179 -25.22 19.67 -6.39
N ALA A 180 -25.77 20.13 -5.26
CA ALA A 180 -26.21 21.50 -5.11
C ALA A 180 -25.07 22.50 -5.28
N LYS A 181 -23.86 22.12 -4.85
CA LYS A 181 -22.72 23.01 -4.99
C LYS A 181 -22.47 23.29 -6.47
N THR A 182 -22.53 22.23 -7.28
CA THR A 182 -22.31 22.36 -8.72
C THR A 182 -23.30 23.33 -9.35
N GLN A 183 -24.56 23.26 -8.91
CA GLN A 183 -25.59 24.14 -9.44
C GLN A 183 -25.40 25.59 -9.02
N GLY A 184 -24.95 25.81 -7.79
CA GLY A 184 -24.73 27.17 -7.33
C GLY A 184 -23.70 27.84 -8.23
N VAL A 185 -22.62 27.13 -8.52
CA VAL A 185 -21.57 27.67 -9.37
C VAL A 185 -22.08 27.85 -10.79
N TYR A 186 -22.82 26.85 -11.27
CA TYR A 186 -23.39 26.91 -12.62
C TYR A 186 -24.24 28.16 -12.77
N ASN A 187 -25.13 28.38 -11.81
CA ASN A 187 -26.00 29.55 -11.85
C ASN A 187 -25.22 30.85 -11.82
N MET A 188 -24.17 30.90 -11.00
CA MET A 188 -23.35 32.11 -10.93
C MET A 188 -22.68 32.41 -12.26
N VAL A 189 -22.02 31.40 -12.83
CA VAL A 189 -21.34 31.59 -14.11
C VAL A 189 -22.32 31.98 -15.21
N ARG A 190 -23.48 31.35 -15.24
CA ARG A 190 -24.48 31.67 -16.25
C ARG A 190 -24.88 33.14 -16.11
N ASP A 191 -25.19 33.55 -14.88
CA ASP A 191 -25.56 34.93 -14.60
C ASP A 191 -24.45 35.87 -15.05
N PHE A 192 -23.21 35.52 -14.74
CA PHE A 192 -22.06 36.33 -15.12
C PHE A 192 -22.00 36.54 -16.64
N LYS A 193 -22.13 35.46 -17.40
CA LYS A 193 -22.07 35.57 -18.86
C LYS A 193 -23.21 36.39 -19.42
N GLN A 194 -24.40 36.26 -18.82
CA GLN A 194 -25.56 37.00 -19.29
C GLN A 194 -25.40 38.49 -19.07
N ARG A 195 -24.78 38.88 -17.95
CA ARG A 195 -24.59 40.28 -17.63
C ARG A 195 -23.26 40.85 -18.15
N GLY A 196 -22.44 39.99 -18.74
CA GLY A 196 -21.18 40.44 -19.28
C GLY A 196 -20.02 40.47 -18.30
N VAL A 197 -20.15 39.79 -17.16
CA VAL A 197 -19.06 39.76 -16.20
C VAL A 197 -17.94 39.00 -16.88
N PRO A 198 -16.73 39.59 -16.93
CA PRO A 198 -15.59 38.94 -17.58
C PRO A 198 -15.02 37.68 -16.92
N ILE A 199 -15.57 36.53 -17.30
CA ILE A 199 -15.09 35.24 -16.80
C ILE A 199 -14.88 34.39 -18.05
N ASP A 200 -13.71 33.78 -18.20
CA ASP A 200 -13.42 32.98 -19.39
C ASP A 200 -13.40 31.48 -19.16
N CYS A 201 -13.28 31.05 -17.91
CA CYS A 201 -13.18 29.63 -17.64
C CYS A 201 -13.63 29.21 -16.24
N VAL A 202 -13.97 27.93 -16.12
CA VAL A 202 -14.35 27.36 -14.85
C VAL A 202 -13.39 26.19 -14.62
N GLY A 203 -12.72 26.22 -13.49
CA GLY A 203 -11.78 25.16 -13.16
C GLY A 203 -12.37 24.17 -12.21
N PHE A 204 -12.29 22.89 -12.58
CA PHE A 204 -12.80 21.81 -11.74
C PHE A 204 -11.60 21.12 -11.13
N GLN A 205 -11.43 21.30 -9.82
CA GLN A 205 -10.28 20.72 -9.12
C GLN A 205 -10.18 19.21 -9.29
N SER A 206 -11.31 18.53 -9.27
CA SER A 206 -11.35 17.08 -9.44
C SER A 206 -10.56 16.26 -8.43
N HIS A 207 -10.76 16.52 -7.14
CA HIS A 207 -10.11 15.75 -6.11
C HIS A 207 -11.06 14.61 -5.76
N PHE A 208 -10.96 13.50 -6.48
CA PHE A 208 -11.84 12.36 -6.30
C PHE A 208 -11.38 11.32 -5.27
N ASN A 209 -12.33 10.83 -4.48
CA ASN A 209 -12.08 9.80 -3.48
C ASN A 209 -13.43 9.14 -3.12
N SER A 210 -13.43 8.09 -2.30
CA SER A 210 -14.68 7.44 -1.99
C SER A 210 -15.67 8.36 -1.25
N GLY A 211 -15.18 9.48 -0.75
CA GLY A 211 -16.03 10.44 -0.06
C GLY A 211 -16.76 11.31 -1.08
N SER A 212 -16.06 11.62 -2.18
CA SER A 212 -16.62 12.43 -3.27
C SER A 212 -16.09 11.77 -4.53
N PRO A 213 -16.65 10.62 -4.89
CA PRO A 213 -16.22 9.87 -6.08
C PRO A 213 -16.49 10.47 -7.43
N TYR A 214 -15.69 10.03 -8.40
CA TYR A 214 -15.85 10.44 -9.77
C TYR A 214 -17.14 9.79 -10.23
N ASN A 215 -17.88 10.47 -11.10
CA ASN A 215 -19.09 9.92 -11.67
C ASN A 215 -19.05 10.31 -13.14
N SER A 216 -19.51 9.41 -14.00
CA SER A 216 -19.49 9.68 -15.43
C SER A 216 -20.22 10.96 -15.81
N ASN A 217 -21.14 11.41 -14.96
CA ASN A 217 -21.86 12.63 -15.29
C ASN A 217 -20.97 13.87 -15.26
N PHE A 218 -19.71 13.70 -14.85
CA PHE A 218 -18.76 14.81 -14.83
C PHE A 218 -18.64 15.37 -16.24
N ARG A 219 -18.68 14.50 -17.24
CA ARG A 219 -18.59 14.94 -18.62
C ARG A 219 -19.76 15.86 -18.94
N THR A 220 -20.94 15.52 -18.43
CA THR A 220 -22.14 16.32 -18.66
C THR A 220 -21.95 17.70 -18.03
N THR A 221 -21.38 17.72 -16.83
CA THR A 221 -21.13 18.97 -16.13
C THR A 221 -20.22 19.86 -16.99
N LEU A 222 -19.14 19.27 -17.51
CA LEU A 222 -18.20 20.00 -18.34
C LEU A 222 -18.90 20.55 -19.58
N GLN A 223 -19.72 19.71 -20.20
CA GLN A 223 -20.46 20.09 -21.40
C GLN A 223 -21.49 21.18 -21.12
N ASN A 224 -22.14 21.12 -19.95
CA ASN A 224 -23.14 22.12 -19.60
C ASN A 224 -22.47 23.48 -19.35
N PHE A 225 -21.30 23.49 -18.73
CA PHE A 225 -20.62 24.75 -18.51
C PHE A 225 -20.08 25.28 -19.83
N ALA A 226 -19.55 24.37 -20.65
CA ALA A 226 -19.01 24.74 -21.95
C ALA A 226 -20.09 25.44 -22.77
N ALA A 227 -21.31 24.91 -22.68
CA ALA A 227 -22.44 25.47 -23.41
C ALA A 227 -22.77 26.89 -22.99
N LEU A 228 -22.30 27.30 -21.82
CA LEU A 228 -22.54 28.67 -21.32
C LEU A 228 -21.61 29.66 -22.01
N GLY A 229 -20.66 29.15 -22.78
CA GLY A 229 -19.72 30.03 -23.48
C GLY A 229 -18.41 30.28 -22.76
N VAL A 230 -18.01 29.37 -21.88
CA VAL A 230 -16.74 29.51 -21.17
C VAL A 230 -15.93 28.23 -21.36
N ASP A 231 -14.61 28.36 -21.26
CA ASP A 231 -13.76 27.18 -21.39
C ASP A 231 -13.83 26.47 -20.06
N VAL A 232 -13.41 25.22 -20.04
CA VAL A 232 -13.39 24.46 -18.80
C VAL A 232 -12.02 23.82 -18.69
N ALA A 233 -11.58 23.58 -17.45
CA ALA A 233 -10.28 22.97 -17.22
C ALA A 233 -10.29 22.08 -15.97
N ILE A 234 -9.62 20.94 -16.05
CA ILE A 234 -9.50 20.04 -14.93
C ILE A 234 -8.21 20.53 -14.29
N THR A 235 -8.33 21.19 -13.15
CA THR A 235 -7.20 21.83 -12.49
C THR A 235 -6.32 21.18 -11.44
N GLU A 236 -6.86 20.27 -10.64
CA GLU A 236 -6.06 19.66 -9.57
C GLU A 236 -6.39 18.18 -9.40
N LEU A 237 -6.50 17.49 -10.53
CA LEU A 237 -6.85 16.09 -10.52
C LEU A 237 -5.96 15.13 -9.74
N ASP A 238 -6.61 14.32 -8.90
CA ASP A 238 -5.97 13.23 -8.17
C ASP A 238 -7.10 12.30 -7.79
N ILE A 239 -6.84 11.00 -7.86
CA ILE A 239 -7.87 10.00 -7.60
C ILE A 239 -7.39 9.01 -6.55
N GLN A 240 -8.12 8.93 -5.44
CA GLN A 240 -7.79 8.02 -4.36
C GLN A 240 -7.66 6.60 -4.91
N GLY A 241 -6.46 6.04 -4.82
CA GLY A 241 -6.24 4.69 -5.31
C GLY A 241 -5.68 4.68 -6.72
N ALA A 242 -5.85 5.81 -7.42
CA ALA A 242 -5.37 5.96 -8.78
C ALA A 242 -5.86 4.88 -9.75
N SER A 243 -7.13 4.56 -9.69
CA SER A 243 -7.70 3.56 -10.60
C SER A 243 -7.35 3.92 -12.05
N SER A 244 -6.83 2.94 -12.78
CA SER A 244 -6.48 3.16 -14.17
C SER A 244 -7.71 3.56 -14.97
N SER A 245 -8.82 2.89 -14.70
CA SER A 245 -10.08 3.17 -15.41
C SER A 245 -10.60 4.57 -15.14
N THR A 246 -10.59 4.97 -13.87
CA THR A 246 -11.08 6.29 -13.53
C THR A 246 -10.20 7.38 -14.13
N TYR A 247 -8.88 7.16 -14.09
CA TYR A 247 -7.97 8.15 -14.65
C TYR A 247 -8.20 8.27 -16.15
N ALA A 248 -8.47 7.16 -16.83
CA ALA A 248 -8.72 7.17 -18.26
C ALA A 248 -10.07 7.83 -18.54
N ALA A 249 -11.06 7.55 -17.70
CA ALA A 249 -12.39 8.14 -17.88
C ALA A 249 -12.32 9.67 -17.79
N VAL A 250 -11.65 10.18 -16.76
CA VAL A 250 -11.52 11.62 -16.60
C VAL A 250 -10.78 12.25 -17.79
N THR A 251 -9.73 11.58 -18.25
CA THR A 251 -8.96 12.07 -19.38
C THR A 251 -9.85 12.15 -20.62
N ASN A 252 -10.65 11.10 -20.84
CA ASN A 252 -11.54 11.07 -21.99
C ASN A 252 -12.67 12.09 -21.87
N ASP A 253 -13.05 12.45 -20.65
CA ASP A 253 -14.10 13.44 -20.48
C ASP A 253 -13.62 14.78 -21.02
N CYS A 254 -12.35 15.11 -20.79
CA CYS A 254 -11.80 16.37 -21.27
C CYS A 254 -11.68 16.33 -22.80
N LEU A 255 -11.23 15.19 -23.32
CA LEU A 255 -11.07 15.01 -24.76
C LEU A 255 -12.42 15.05 -25.50
N ALA A 256 -13.49 14.75 -24.77
CA ALA A 256 -14.82 14.74 -25.38
C ALA A 256 -15.46 16.12 -25.40
N VAL A 257 -14.82 17.10 -24.77
CA VAL A 257 -15.35 18.45 -24.70
C VAL A 257 -14.40 19.42 -25.41
N SER A 258 -14.88 19.99 -26.51
CA SER A 258 -14.07 20.90 -27.30
C SER A 258 -13.44 22.02 -26.48
N ARG A 259 -14.22 22.57 -25.55
CA ARG A 259 -13.78 23.65 -24.69
C ARG A 259 -12.88 23.26 -23.51
N CYS A 260 -12.61 21.96 -23.33
CA CYS A 260 -11.73 21.57 -22.23
C CYS A 260 -10.29 21.83 -22.66
N LEU A 261 -9.69 22.85 -22.06
CA LEU A 261 -8.34 23.28 -22.40
C LEU A 261 -7.25 22.25 -22.09
N GLY A 262 -7.41 21.53 -21.00
CA GLY A 262 -6.42 20.54 -20.63
C GLY A 262 -6.67 20.00 -19.23
N ILE A 263 -5.78 19.12 -18.79
CA ILE A 263 -5.90 18.51 -17.47
C ILE A 263 -4.61 18.62 -16.68
N THR A 264 -4.73 19.00 -15.42
CA THR A 264 -3.57 19.11 -14.54
C THR A 264 -3.77 18.15 -13.38
N VAL A 265 -2.75 17.35 -13.07
CA VAL A 265 -2.81 16.44 -11.94
C VAL A 265 -2.11 17.18 -10.80
N TRP A 266 -2.64 17.07 -9.58
CA TRP A 266 -2.07 17.81 -8.46
C TRP A 266 -0.79 17.23 -7.86
N GLY A 267 0.28 17.23 -8.66
CA GLY A 267 1.55 16.71 -8.17
C GLY A 267 2.21 15.74 -9.13
N VAL A 268 3.48 15.43 -8.86
CA VAL A 268 4.23 14.52 -9.72
C VAL A 268 4.17 13.08 -9.22
N ARG A 269 4.82 12.80 -8.08
CA ARG A 269 4.82 11.46 -7.50
C ARG A 269 3.91 11.41 -6.27
N ASP A 270 3.44 10.23 -5.91
CA ASP A 270 2.58 10.08 -4.74
C ASP A 270 3.23 10.66 -3.50
N THR A 271 4.56 10.55 -3.43
CA THR A 271 5.30 11.07 -2.30
C THR A 271 5.27 12.59 -2.24
N ASP A 272 4.94 13.22 -3.37
CA ASP A 272 4.87 14.69 -3.45
C ASP A 272 3.44 15.19 -3.24
N SER A 273 2.49 14.26 -3.16
CA SER A 273 1.10 14.62 -3.00
C SER A 273 0.72 15.16 -1.63
N TRP A 274 -0.27 16.05 -1.62
CA TRP A 274 -0.76 16.63 -0.39
C TRP A 274 -1.58 15.55 0.32
N ARG A 275 -1.85 14.47 -0.41
CA ARG A 275 -2.60 13.33 0.11
C ARG A 275 -1.93 12.00 -0.29
N SER A 276 -0.65 11.87 0.04
CA SER A 276 0.10 10.66 -0.30
C SER A 276 -0.60 9.40 0.19
N GLY A 277 -1.29 9.52 1.33
CA GLY A 277 -2.00 8.38 1.88
C GLY A 277 -3.01 7.78 0.92
N ASP A 278 -3.52 8.59 0.00
CA ASP A 278 -4.48 8.11 -0.98
C ASP A 278 -3.80 7.68 -2.29
N THR A 279 -2.46 7.67 -2.31
CA THR A 279 -1.67 7.30 -3.50
C THR A 279 -2.49 7.64 -4.73
N PRO A 280 -2.84 8.93 -4.89
CA PRO A 280 -3.65 9.47 -5.98
C PRO A 280 -3.03 9.99 -7.27
N LEU A 281 -1.71 9.89 -7.43
CA LEU A 281 -1.10 10.43 -8.65
C LEU A 281 -0.67 9.36 -9.66
N LEU A 282 0.02 9.80 -10.71
CA LEU A 282 0.44 8.91 -11.79
C LEU A 282 1.80 8.23 -11.68
N PHE A 283 2.64 8.71 -10.76
CA PHE A 283 3.96 8.11 -10.55
C PHE A 283 4.14 7.69 -9.10
N ASN A 284 4.85 6.59 -8.89
CA ASN A 284 5.12 6.12 -7.53
C ASN A 284 6.29 6.90 -6.94
N GLY A 285 6.50 6.76 -5.64
CA GLY A 285 7.59 7.46 -4.97
C GLY A 285 8.95 7.17 -5.56
N ASP A 286 9.15 5.96 -6.09
CA ASP A 286 10.43 5.61 -6.68
C ASP A 286 10.53 6.14 -8.10
N GLY A 287 9.49 6.84 -8.54
CA GLY A 287 9.49 7.42 -9.88
C GLY A 287 8.94 6.54 -10.99
N SER A 288 8.50 5.34 -10.67
CA SER A 288 7.97 4.44 -11.68
C SER A 288 6.57 4.85 -12.12
N LYS A 289 6.27 4.63 -13.39
CA LYS A 289 4.97 4.95 -13.95
C LYS A 289 3.99 3.89 -13.45
N LYS A 290 2.80 4.32 -13.04
CA LYS A 290 1.79 3.39 -12.57
C LYS A 290 0.95 2.95 -13.77
N ALA A 291 0.15 1.91 -13.58
CA ALA A 291 -0.70 1.43 -14.66
C ALA A 291 -1.60 2.59 -15.09
N ALA A 292 -1.92 3.48 -14.17
CA ALA A 292 -2.77 4.63 -14.46
C ALA A 292 -2.10 5.54 -15.49
N TYR A 293 -0.78 5.66 -15.42
CA TYR A 293 -0.06 6.50 -16.36
C TYR A 293 -0.26 5.98 -17.78
N THR A 294 -0.12 4.67 -17.95
CA THR A 294 -0.28 4.06 -19.26
C THR A 294 -1.70 4.26 -19.77
N ALA A 295 -2.67 4.19 -18.88
CA ALA A 295 -4.07 4.37 -19.24
C ALA A 295 -4.34 5.79 -19.72
N VAL A 296 -3.76 6.76 -19.03
CA VAL A 296 -3.92 8.16 -19.40
C VAL A 296 -3.25 8.44 -20.75
N LEU A 297 -2.03 7.96 -20.92
CA LEU A 297 -1.30 8.15 -22.18
C LEU A 297 -2.04 7.52 -23.35
N ASN A 298 -2.56 6.32 -23.15
CA ASN A 298 -3.29 5.62 -24.20
C ASN A 298 -4.51 6.45 -24.59
N ALA A 299 -5.20 6.99 -23.57
CA ALA A 299 -6.38 7.80 -23.83
C ALA A 299 -6.01 9.03 -24.66
N LEU A 300 -4.97 9.73 -24.24
CA LEU A 300 -4.51 10.93 -24.94
C LEU A 300 -4.09 10.62 -26.38
N ASN A 301 -3.61 9.39 -26.61
CA ASN A 301 -3.19 9.00 -27.94
C ASN A 301 -4.32 8.48 -28.81
N GLY A 302 -5.56 8.61 -28.33
CA GLY A 302 -6.69 8.17 -29.12
C GLY A 302 -7.27 6.81 -28.75
N GLY A 303 -7.24 6.49 -27.46
CA GLY A 303 -7.79 5.23 -27.00
C GLY A 303 -7.37 4.03 -27.81
N GLY A 313 -9.59 -12.63 -19.79
CA GLY A 313 -9.33 -13.26 -21.12
C GLY A 313 -7.91 -13.79 -21.25
N GLN A 314 -7.60 -14.35 -22.41
CA GLN A 314 -6.26 -14.89 -22.64
C GLN A 314 -5.28 -13.77 -22.97
N ILE A 315 -4.00 -14.07 -22.79
CA ILE A 315 -2.92 -13.16 -23.12
C ILE A 315 -2.04 -14.03 -23.99
N LYS A 316 -2.03 -13.73 -25.29
CA LYS A 316 -1.29 -14.51 -26.25
C LYS A 316 0.03 -13.90 -26.68
N GLY A 317 1.08 -14.72 -26.68
CA GLY A 317 2.39 -14.25 -27.09
C GLY A 317 2.40 -14.17 -28.61
N VAL A 318 2.79 -13.02 -29.14
CA VAL A 318 2.82 -12.81 -30.58
C VAL A 318 3.76 -13.77 -31.29
N GLY A 319 5.01 -13.83 -30.84
CA GLY A 319 5.99 -14.69 -31.45
C GLY A 319 5.73 -16.18 -31.40
N SER A 320 5.11 -16.65 -30.31
CA SER A 320 4.82 -18.07 -30.15
C SER A 320 3.42 -18.47 -30.55
N GLY A 321 2.48 -17.53 -30.47
CA GLY A 321 1.10 -17.85 -30.80
C GLY A 321 0.46 -18.65 -29.68
N ARG A 322 1.17 -18.77 -28.55
CA ARG A 322 0.67 -19.51 -27.40
C ARG A 322 0.29 -18.55 -26.27
N CYS A 323 -0.52 -19.05 -25.33
CA CYS A 323 -1.03 -18.23 -24.23
C CYS A 323 -0.35 -18.34 -22.85
N LEU A 324 -0.43 -17.25 -22.10
CA LEU A 324 0.14 -17.18 -20.76
C LEU A 324 -0.67 -18.21 -19.97
N ASP A 325 0.03 -19.20 -19.42
CA ASP A 325 -0.64 -20.30 -18.73
C ASP A 325 -0.03 -20.68 -17.39
N VAL A 326 -0.88 -21.01 -16.42
CA VAL A 326 -0.43 -21.44 -15.10
C VAL A 326 -0.41 -22.96 -15.17
N PRO A 327 0.79 -23.56 -15.19
CA PRO A 327 0.96 -25.02 -15.26
C PRO A 327 -0.05 -25.86 -14.48
N ASN A 328 -0.73 -26.74 -15.22
CA ASN A 328 -1.72 -27.65 -14.67
C ASN A 328 -2.77 -26.99 -13.77
N ALA A 329 -3.17 -25.77 -14.12
CA ALA A 329 -4.17 -25.04 -13.35
C ALA A 329 -3.84 -24.98 -11.86
N SER A 330 -2.55 -24.98 -11.54
CA SER A 330 -2.10 -24.90 -10.16
C SER A 330 -2.46 -23.56 -9.55
N THR A 331 -2.66 -23.54 -8.24
CA THR A 331 -3.00 -22.31 -7.53
C THR A 331 -1.96 -22.06 -6.45
N THR A 332 -0.90 -22.87 -6.47
CA THR A 332 0.17 -22.78 -5.50
C THR A 332 1.03 -21.53 -5.71
N ASP A 333 1.21 -20.76 -4.64
CA ASP A 333 2.03 -19.57 -4.69
C ASP A 333 3.44 -19.98 -5.10
N GLY A 334 4.05 -19.20 -5.99
CA GLY A 334 5.39 -19.52 -6.44
C GLY A 334 5.46 -20.33 -7.73
N THR A 335 4.30 -20.66 -8.29
CA THR A 335 4.27 -21.42 -9.54
C THR A 335 4.59 -20.50 -10.72
N GLN A 336 5.72 -20.75 -11.37
CA GLN A 336 6.14 -19.94 -12.51
C GLN A 336 5.20 -20.19 -13.69
N VAL A 337 4.80 -19.11 -14.37
CA VAL A 337 3.89 -19.23 -15.51
C VAL A 337 4.64 -19.64 -16.78
N GLN A 338 3.90 -20.12 -17.77
CA GLN A 338 4.51 -20.59 -19.02
C GLN A 338 3.65 -20.28 -20.24
N LEU A 339 4.16 -20.69 -21.41
CA LEU A 339 3.44 -20.54 -22.65
C LEU A 339 2.78 -21.89 -22.89
N TYR A 340 1.56 -21.88 -23.42
CA TYR A 340 0.87 -23.12 -23.69
C TYR A 340 -0.22 -22.90 -24.73
N ASP A 341 -0.58 -23.97 -25.44
CA ASP A 341 -1.63 -23.87 -26.45
C ASP A 341 -2.85 -23.22 -25.83
N CYS A 342 -3.33 -22.17 -26.47
CA CYS A 342 -4.48 -21.43 -25.97
C CYS A 342 -5.76 -22.25 -25.88
N HIS A 343 -6.48 -22.07 -24.77
CA HIS A 343 -7.74 -22.76 -24.54
C HIS A 343 -8.61 -21.91 -23.61
N SER A 344 -9.77 -22.42 -23.24
CA SER A 344 -10.69 -21.64 -22.40
C SER A 344 -10.66 -21.86 -20.89
N ALA A 345 -9.76 -22.72 -20.41
CA ALA A 345 -9.68 -22.99 -18.98
C ALA A 345 -9.36 -21.73 -18.17
N THR A 346 -9.73 -21.76 -16.88
CA THR A 346 -9.49 -20.61 -16.00
C THR A 346 -8.01 -20.29 -15.79
N ASN A 347 -7.15 -21.29 -15.92
CA ASN A 347 -5.72 -21.07 -15.72
C ASN A 347 -5.07 -20.30 -16.88
N GLN A 348 -5.90 -19.79 -17.78
CA GLN A 348 -5.43 -19.01 -18.93
C GLN A 348 -6.23 -17.73 -19.06
N GLN A 349 -7.08 -17.45 -18.06
CA GLN A 349 -7.89 -16.25 -18.09
C GLN A 349 -7.34 -15.21 -17.12
N TRP A 350 -6.82 -14.12 -17.67
CA TRP A 350 -6.23 -13.06 -16.86
C TRP A 350 -7.05 -11.78 -16.88
N THR A 351 -7.25 -11.20 -15.70
CA THR A 351 -8.00 -9.97 -15.57
C THR A 351 -7.06 -8.82 -15.16
N TYR A 352 -7.11 -7.74 -15.94
CA TYR A 352 -6.29 -6.57 -15.65
C TYR A 352 -7.16 -5.68 -14.78
N THR A 353 -6.74 -5.46 -13.54
CA THR A 353 -7.53 -4.65 -12.60
C THR A 353 -7.13 -3.19 -12.62
N ASP A 354 -7.94 -2.37 -11.97
CA ASP A 354 -7.67 -0.93 -11.90
C ASP A 354 -6.44 -0.64 -11.06
N ALA A 355 -5.99 -1.64 -10.32
CA ALA A 355 -4.81 -1.49 -9.48
C ALA A 355 -3.58 -1.98 -10.24
N GLY A 356 -3.76 -2.22 -11.54
CA GLY A 356 -2.67 -2.67 -12.39
C GLY A 356 -2.25 -4.12 -12.26
N GLU A 357 -3.06 -4.95 -11.61
CA GLU A 357 -2.71 -6.36 -11.45
C GLU A 357 -3.22 -7.19 -12.62
N LEU A 358 -2.62 -8.35 -12.80
CA LEU A 358 -3.07 -9.29 -13.81
C LEU A 358 -3.47 -10.49 -12.95
N ARG A 359 -4.76 -10.61 -12.68
CA ARG A 359 -5.29 -11.67 -11.83
C ARG A 359 -5.76 -12.92 -12.55
N VAL A 360 -5.68 -14.03 -11.83
CA VAL A 360 -6.13 -15.33 -12.32
C VAL A 360 -6.74 -16.05 -11.12
N TYR A 361 -7.80 -16.82 -11.36
CA TYR A 361 -8.49 -17.56 -10.30
C TYR A 361 -9.19 -16.61 -9.33
N GLY A 362 -9.18 -15.31 -9.64
CA GLY A 362 -9.83 -14.34 -8.79
C GLY A 362 -8.96 -13.66 -7.75
N ASP A 363 -8.12 -14.41 -7.05
CA ASP A 363 -7.29 -13.81 -6.00
C ASP A 363 -5.78 -14.10 -6.10
N LYS A 364 -5.34 -14.56 -7.27
CA LYS A 364 -3.91 -14.82 -7.48
C LYS A 364 -3.41 -13.76 -8.46
N CYS A 365 -2.19 -13.28 -8.24
CA CYS A 365 -1.60 -12.23 -9.07
C CYS A 365 -0.33 -12.59 -9.82
N LEU A 366 -0.20 -12.11 -11.06
CA LEU A 366 1.01 -12.36 -11.83
C LEU A 366 2.03 -11.65 -10.94
N ASP A 367 3.11 -12.35 -10.59
CA ASP A 367 4.08 -11.83 -9.64
C ASP A 367 5.55 -11.99 -10.05
N ALA A 368 6.34 -10.93 -9.88
CA ALA A 368 7.75 -10.97 -10.21
C ALA A 368 8.50 -11.25 -8.91
N ALA A 369 9.30 -12.31 -8.91
CA ALA A 369 10.05 -12.71 -7.73
C ALA A 369 11.31 -11.89 -7.46
N GLY A 370 11.52 -10.84 -8.26
CA GLY A 370 12.69 -10.00 -8.08
C GLY A 370 12.64 -8.82 -9.03
N THR A 371 13.79 -8.22 -9.34
CA THR A 371 13.83 -7.07 -10.24
C THR A 371 14.80 -7.15 -11.42
N GLY A 372 15.78 -8.03 -11.35
CA GLY A 372 16.75 -8.12 -12.46
C GLY A 372 16.37 -9.04 -13.61
N ASN A 373 17.17 -9.02 -14.67
CA ASN A 373 16.91 -9.88 -15.82
C ASN A 373 16.88 -11.32 -15.35
N GLY A 374 16.02 -12.11 -15.96
CA GLY A 374 15.92 -13.51 -15.59
C GLY A 374 15.06 -13.76 -14.36
N THR A 375 14.47 -12.70 -13.81
CA THR A 375 13.60 -12.87 -12.65
C THR A 375 12.40 -13.71 -13.05
N LYS A 376 12.08 -14.69 -12.22
CA LYS A 376 10.96 -15.59 -12.46
C LYS A 376 9.62 -14.88 -12.32
N VAL A 377 8.73 -15.10 -13.29
CA VAL A 377 7.38 -14.52 -13.24
C VAL A 377 6.46 -15.68 -12.87
N GLN A 378 5.69 -15.49 -11.79
CA GLN A 378 4.83 -16.53 -11.27
C GLN A 378 3.50 -15.97 -10.76
N ILE A 379 2.75 -16.81 -10.06
CA ILE A 379 1.50 -16.37 -9.44
C ILE A 379 1.79 -16.37 -7.95
N TYR A 380 1.16 -15.46 -7.23
CA TYR A 380 1.35 -15.34 -5.78
C TYR A 380 0.10 -14.63 -5.29
N SER A 381 -0.27 -14.85 -4.03
CA SER A 381 -1.45 -14.20 -3.46
C SER A 381 -1.37 -12.70 -3.68
N CYS A 382 -2.46 -12.10 -4.15
CA CYS A 382 -2.49 -10.66 -4.39
C CYS A 382 -2.40 -9.90 -3.07
N TRP A 383 -1.53 -8.90 -3.00
CA TRP A 383 -1.40 -8.10 -1.78
C TRP A 383 -1.12 -6.61 -2.02
N GLY A 384 -1.03 -6.21 -3.29
CA GLY A 384 -0.79 -4.81 -3.60
C GLY A 384 0.65 -4.40 -3.88
N GLY A 385 1.57 -5.36 -3.86
CA GLY A 385 2.96 -5.04 -4.12
C GLY A 385 3.18 -4.52 -5.54
N ASP A 386 4.17 -3.63 -5.70
CA ASP A 386 4.46 -3.09 -7.03
C ASP A 386 5.02 -4.15 -7.97
N ASN A 387 5.50 -5.25 -7.39
CA ASN A 387 6.02 -6.35 -8.20
C ASN A 387 4.86 -7.20 -8.69
N GLN A 388 3.65 -6.73 -8.44
CA GLN A 388 2.43 -7.42 -8.91
C GLN A 388 1.64 -6.44 -9.79
N LYS A 389 2.27 -5.31 -10.12
CA LYS A 389 1.67 -4.28 -10.96
C LYS A 389 2.29 -4.34 -12.34
N TRP A 390 1.47 -4.18 -13.37
CA TRP A 390 1.96 -4.25 -14.74
C TRP A 390 1.36 -3.17 -15.62
N ARG A 391 2.14 -2.74 -16.61
CA ARG A 391 1.70 -1.72 -17.56
C ARG A 391 1.55 -2.39 -18.93
N LEU A 392 0.35 -2.37 -19.49
CA LEU A 392 0.12 -2.96 -20.80
C LEU A 392 0.31 -1.86 -21.84
N ASN A 393 1.50 -1.81 -22.43
CA ASN A 393 1.83 -0.79 -23.42
C ASN A 393 1.21 -0.97 -24.79
N SER A 394 1.08 0.14 -25.50
CA SER A 394 0.51 0.18 -26.83
C SER A 394 1.25 -0.73 -27.82
N ASP A 395 2.55 -0.90 -27.63
CA ASP A 395 3.32 -1.74 -28.53
C ASP A 395 3.22 -3.23 -28.21
N GLY A 396 2.28 -3.59 -27.34
CA GLY A 396 2.09 -4.99 -26.99
C GLY A 396 2.99 -5.52 -25.89
N SER A 397 3.87 -4.67 -25.36
CA SER A 397 4.76 -5.12 -24.30
C SER A 397 4.03 -4.99 -22.96
N ILE A 398 4.45 -5.79 -22.00
CA ILE A 398 3.87 -5.77 -20.65
C ILE A 398 5.04 -5.58 -19.71
N VAL A 399 5.10 -4.39 -19.10
CA VAL A 399 6.19 -4.02 -18.22
C VAL A 399 5.85 -4.04 -16.73
N GLY A 400 6.73 -4.64 -15.93
CA GLY A 400 6.53 -4.68 -14.49
C GLY A 400 6.84 -3.32 -13.90
N VAL A 401 5.90 -2.77 -13.12
CA VAL A 401 6.07 -1.47 -12.50
C VAL A 401 7.33 -1.33 -11.64
N GLN A 402 7.51 -2.24 -10.71
CA GLN A 402 8.67 -2.20 -9.81
C GLN A 402 10.00 -2.36 -10.53
N SER A 403 10.08 -3.37 -11.40
CA SER A 403 11.31 -3.67 -12.13
C SER A 403 11.59 -2.80 -13.34
N GLY A 404 10.54 -2.45 -14.07
CA GLY A 404 10.74 -1.67 -15.27
C GLY A 404 11.18 -2.59 -16.40
N LEU A 405 11.01 -3.90 -16.19
CA LEU A 405 11.40 -4.90 -17.18
C LEU A 405 10.19 -5.50 -17.88
N CYS A 406 10.41 -6.13 -19.03
CA CYS A 406 9.35 -6.72 -19.82
C CYS A 406 9.07 -8.19 -19.58
N LEU A 407 7.80 -8.59 -19.74
CA LEU A 407 7.44 -10.00 -19.62
C LEU A 407 8.17 -10.59 -20.81
N ASP A 408 8.88 -11.68 -20.59
CA ASP A 408 9.69 -12.27 -21.64
C ASP A 408 9.65 -13.80 -21.66
N ALA A 409 9.45 -14.38 -22.84
CA ALA A 409 9.43 -15.83 -22.97
C ALA A 409 10.88 -16.27 -23.05
N VAL A 410 11.36 -16.89 -21.97
CA VAL A 410 12.74 -17.35 -21.85
C VAL A 410 13.40 -17.88 -23.13
N GLY A 411 14.52 -17.26 -23.49
CA GLY A 411 15.27 -17.66 -24.66
C GLY A 411 14.52 -17.60 -25.97
N GLY A 412 13.47 -16.80 -26.02
CA GLY A 412 12.68 -16.69 -27.23
C GLY A 412 11.92 -17.96 -27.53
N GLY A 413 11.87 -18.87 -26.56
CA GLY A 413 11.17 -20.12 -26.75
C GLY A 413 9.72 -19.92 -27.17
N THR A 414 9.18 -20.85 -27.95
CA THR A 414 7.81 -20.74 -28.43
C THR A 414 6.97 -21.99 -28.17
N ALA A 415 7.61 -23.08 -27.74
CA ALA A 415 6.89 -24.33 -27.48
C ALA A 415 6.19 -24.36 -26.13
N ASN A 416 5.22 -25.26 -25.98
CA ASN A 416 4.51 -25.40 -24.71
C ASN A 416 5.58 -25.64 -23.65
N GLY A 417 5.39 -25.04 -22.48
CA GLY A 417 6.36 -25.23 -21.41
C GLY A 417 7.41 -24.16 -21.32
N THR A 418 7.51 -23.30 -22.32
CA THR A 418 8.48 -22.22 -22.30
C THR A 418 8.10 -21.35 -21.09
N LEU A 419 9.06 -21.09 -20.22
CA LEU A 419 8.81 -20.31 -19.02
C LEU A 419 8.84 -18.80 -19.26
N ILE A 420 8.22 -18.06 -18.34
CA ILE A 420 8.17 -16.60 -18.44
C ILE A 420 9.03 -15.95 -17.37
N GLN A 421 9.74 -14.90 -17.78
CA GLN A 421 10.64 -14.17 -16.89
C GLN A 421 10.60 -12.69 -17.20
N LEU A 422 11.37 -11.93 -16.43
CA LEU A 422 11.50 -10.50 -16.64
C LEU A 422 12.79 -10.32 -17.42
N TYR A 423 12.81 -9.37 -18.34
CA TYR A 423 14.02 -9.14 -19.12
C TYR A 423 13.97 -7.76 -19.75
N SER A 424 15.13 -7.13 -19.85
CA SER A 424 15.22 -5.80 -20.44
C SER A 424 14.40 -5.80 -21.73
N CYS A 425 13.49 -4.84 -21.85
CA CYS A 425 12.64 -4.75 -23.03
C CYS A 425 13.45 -4.62 -24.32
N SER A 426 13.10 -5.42 -25.31
CA SER A 426 13.79 -5.42 -26.59
C SER A 426 12.83 -5.30 -27.76
N ASN A 427 11.54 -5.30 -27.46
CA ASN A 427 10.52 -5.23 -28.50
C ASN A 427 10.55 -6.48 -29.37
N GLY A 428 11.12 -7.55 -28.83
CA GLY A 428 11.18 -8.81 -29.55
C GLY A 428 9.81 -9.48 -29.54
N SER A 429 9.60 -10.40 -30.48
CA SER A 429 8.33 -11.10 -30.58
C SER A 429 7.98 -11.88 -29.32
N ASN A 430 8.99 -12.24 -28.54
CA ASN A 430 8.81 -12.99 -27.32
C ASN A 430 8.49 -12.07 -26.13
N GLN A 431 8.30 -10.79 -26.43
CA GLN A 431 7.97 -9.80 -25.42
C GLN A 431 6.71 -9.04 -25.82
N ARG A 432 6.09 -9.47 -26.91
CA ARG A 432 4.87 -8.83 -27.38
C ARG A 432 3.68 -9.74 -27.09
N TRP A 433 2.62 -9.16 -26.56
CA TRP A 433 1.42 -9.93 -26.20
C TRP A 433 0.15 -9.24 -26.66
N THR A 434 -0.85 -10.05 -26.99
CA THR A 434 -2.13 -9.52 -27.43
C THR A 434 -3.22 -10.21 -26.63
N ARG A 435 -4.27 -9.46 -26.30
CA ARG A 435 -5.37 -10.02 -25.54
C ARG A 435 -6.54 -10.39 -26.43
N THR A 436 -6.82 -11.69 -26.50
CA THR A 436 -7.91 -12.21 -27.31
C THR A 436 -8.30 -13.60 -26.83
N ALA B 1 -7.48 -17.61 27.41
CA ALA B 1 -8.78 -17.25 26.77
C ALA B 1 -8.88 -17.80 25.36
N GLU B 2 -9.59 -17.06 24.52
CA GLU B 2 -9.81 -17.44 23.14
C GLU B 2 -9.83 -16.15 22.31
N SER B 3 -9.55 -15.02 22.95
CA SER B 3 -9.58 -13.72 22.29
C SER B 3 -8.22 -13.11 21.94
N THR B 4 -7.15 -13.72 22.41
CA THR B 4 -5.81 -13.22 22.11
C THR B 4 -4.96 -14.37 21.57
N LEU B 5 -3.95 -14.05 20.78
CA LEU B 5 -3.10 -15.08 20.18
C LEU B 5 -2.44 -16.01 21.19
N GLY B 6 -1.80 -15.43 22.21
CA GLY B 6 -1.15 -16.25 23.21
C GLY B 6 -2.09 -17.22 23.90
N ALA B 7 -3.23 -16.70 24.36
CA ALA B 7 -4.21 -17.52 25.06
C ALA B 7 -4.78 -18.61 24.17
N ALA B 8 -4.98 -18.31 22.88
CA ALA B 8 -5.52 -19.29 21.95
C ALA B 8 -4.51 -20.42 21.75
N ALA B 9 -3.24 -20.05 21.52
CA ALA B 9 -2.20 -21.05 21.32
C ALA B 9 -2.08 -21.94 22.56
N ALA B 10 -2.28 -21.35 23.73
CA ALA B 10 -2.19 -22.10 24.98
C ALA B 10 -3.24 -23.20 25.05
N GLN B 11 -4.31 -23.05 24.27
CA GLN B 11 -5.37 -24.05 24.26
C GLN B 11 -4.91 -25.36 23.63
N SER B 12 -3.72 -25.35 23.03
CA SER B 12 -3.17 -26.56 22.42
C SER B 12 -1.79 -26.79 23.03
N GLY B 13 -1.53 -26.10 24.14
CA GLY B 13 -0.26 -26.26 24.84
C GLY B 13 0.90 -25.56 24.16
N ARG B 14 0.60 -24.62 23.26
CA ARG B 14 1.63 -23.90 22.54
C ARG B 14 1.67 -22.42 22.92
N TYR B 15 2.65 -21.70 22.38
CA TYR B 15 2.77 -20.28 22.64
C TYR B 15 2.69 -19.51 21.35
N PHE B 16 2.46 -18.21 21.45
CA PHE B 16 2.47 -17.36 20.29
C PHE B 16 3.26 -16.13 20.72
N GLY B 17 4.43 -15.96 20.10
CA GLY B 17 5.29 -14.86 20.48
C GLY B 17 5.57 -13.81 19.42
N THR B 18 6.40 -12.86 19.81
CA THR B 18 6.79 -11.79 18.90
C THR B 18 8.22 -11.40 19.22
N ALA B 19 8.76 -10.50 18.40
CA ALA B 19 10.11 -9.98 18.59
C ALA B 19 9.91 -8.60 19.20
N ILE B 20 10.59 -8.33 20.31
CA ILE B 20 10.46 -7.05 20.97
C ILE B 20 11.72 -6.21 20.79
N ALA B 21 11.51 -4.93 20.49
CA ALA B 21 12.61 -3.98 20.31
C ALA B 21 12.55 -3.07 21.52
N SER B 22 13.61 -3.06 22.32
CA SER B 22 13.66 -2.26 23.54
C SER B 22 13.38 -0.78 23.29
N GLY B 23 13.81 -0.28 22.14
CA GLY B 23 13.62 1.13 21.84
C GLY B 23 12.18 1.53 21.57
N LYS B 24 11.30 0.53 21.44
CA LYS B 24 9.90 0.80 21.16
C LYS B 24 9.03 0.64 22.41
N LEU B 25 9.61 0.14 23.49
CA LEU B 25 8.87 -0.09 24.73
C LEU B 25 8.32 1.16 25.41
N GLY B 26 8.72 2.34 24.92
CA GLY B 26 8.22 3.57 25.50
C GLY B 26 6.96 4.01 24.77
N ASP B 27 6.62 3.27 23.71
CA ASP B 27 5.45 3.55 22.87
C ASP B 27 4.26 2.76 23.44
N SER B 28 3.33 3.45 24.10
CA SER B 28 2.17 2.81 24.71
C SER B 28 1.32 1.97 23.77
N ALA B 29 1.21 2.42 22.51
CA ALA B 29 0.42 1.67 21.53
C ALA B 29 1.10 0.34 21.28
N TYR B 30 2.42 0.38 21.16
CA TYR B 30 3.24 -0.81 20.91
C TYR B 30 3.15 -1.82 22.05
N THR B 31 3.34 -1.35 23.28
CA THR B 31 3.30 -2.24 24.43
C THR B 31 1.91 -2.78 24.75
N THR B 32 0.87 -1.99 24.48
CA THR B 32 -0.48 -2.44 24.74
C THR B 32 -0.78 -3.68 23.90
N ILE B 33 -0.44 -3.61 22.63
CA ILE B 33 -0.64 -4.73 21.72
C ILE B 33 0.25 -5.91 22.11
N ALA B 34 1.54 -5.65 22.24
CA ALA B 34 2.51 -6.69 22.57
C ALA B 34 2.21 -7.43 23.88
N SER B 35 1.85 -6.70 24.92
CA SER B 35 1.56 -7.33 26.20
C SER B 35 0.29 -8.18 26.15
N ARG B 36 -0.71 -7.68 25.43
CA ARG B 36 -1.99 -8.36 25.31
C ARG B 36 -2.01 -9.64 24.48
N GLU B 37 -1.34 -9.61 23.33
CA GLU B 37 -1.34 -10.72 22.38
C GLU B 37 -0.31 -11.85 22.46
N PHE B 38 0.84 -11.61 23.07
CA PHE B 38 1.88 -12.63 23.11
C PHE B 38 2.31 -13.14 24.48
N ASN B 39 2.64 -14.44 24.55
CA ASN B 39 3.10 -15.04 25.81
C ASN B 39 4.52 -15.58 25.68
N MET B 40 5.22 -15.18 24.61
CA MET B 40 6.61 -15.55 24.37
C MET B 40 7.29 -14.35 23.72
N VAL B 41 8.52 -14.07 24.13
CA VAL B 41 9.25 -12.92 23.62
C VAL B 41 10.67 -13.22 23.20
N THR B 42 11.08 -12.63 22.08
CA THR B 42 12.45 -12.75 21.57
C THR B 42 12.96 -11.33 21.42
N ALA B 43 14.16 -11.06 21.90
CA ALA B 43 14.72 -9.71 21.76
C ALA B 43 15.13 -9.60 20.28
N GLU B 44 14.62 -8.59 19.59
CA GLU B 44 14.95 -8.44 18.17
C GLU B 44 16.45 -8.30 17.91
N ASN B 45 17.17 -7.59 18.77
CA ASN B 45 18.62 -7.38 18.57
C ASN B 45 19.45 -7.33 19.84
N GLU B 46 18.79 -7.05 20.96
CA GLU B 46 19.46 -6.88 22.24
C GLU B 46 20.23 -8.03 22.87
N MET B 47 20.06 -9.24 22.37
CA MET B 47 20.81 -10.35 22.93
C MET B 47 21.78 -10.94 21.92
N LYS B 48 21.98 -10.22 20.82
CA LYS B 48 22.92 -10.67 19.80
C LYS B 48 24.34 -10.43 20.31
N ILE B 49 25.32 -10.90 19.56
CA ILE B 49 26.71 -10.80 19.96
C ILE B 49 27.26 -9.39 20.20
N ASP B 50 27.01 -8.48 19.26
CA ASP B 50 27.52 -7.12 19.41
C ASP B 50 26.88 -6.39 20.60
N ALA B 51 25.61 -6.65 20.85
CA ALA B 51 24.91 -6.01 21.97
C ALA B 51 25.29 -6.55 23.35
N THR B 52 25.64 -7.84 23.42
CA THR B 52 25.98 -8.45 24.70
C THR B 52 27.47 -8.49 25.06
N GLU B 53 28.35 -8.35 24.06
CA GLU B 53 29.78 -8.32 24.33
C GLU B 53 30.43 -7.33 23.36
N PRO B 54 30.20 -6.02 23.56
CA PRO B 54 30.71 -4.91 22.75
C PRO B 54 32.23 -4.92 22.56
N GLN B 55 32.94 -5.31 23.62
CA GLN B 55 34.40 -5.41 23.59
C GLN B 55 34.71 -6.80 24.11
N ARG B 56 35.83 -7.38 23.69
CA ARG B 56 36.15 -8.73 24.12
C ARG B 56 36.26 -8.90 25.62
N GLY B 57 35.49 -9.85 26.16
CA GLY B 57 35.52 -10.11 27.58
C GLY B 57 34.69 -9.13 28.39
N GLN B 58 34.11 -8.14 27.74
CA GLN B 58 33.29 -7.13 28.43
C GLN B 58 31.81 -7.28 28.08
N PHE B 59 31.11 -8.09 28.85
CA PHE B 59 29.69 -8.34 28.63
C PHE B 59 28.83 -7.15 29.04
N ASN B 60 27.71 -6.98 28.35
CA ASN B 60 26.80 -5.87 28.61
C ASN B 60 25.37 -6.38 28.42
N PHE B 61 24.60 -6.38 29.50
CA PHE B 61 23.24 -6.89 29.46
C PHE B 61 22.12 -5.86 29.65
N SER B 62 22.47 -4.59 29.71
CA SER B 62 21.46 -3.57 29.92
C SER B 62 20.37 -3.61 28.84
N ALA B 63 20.77 -3.70 27.57
CA ALA B 63 19.79 -3.76 26.48
C ALA B 63 18.97 -5.04 26.56
N GLY B 64 19.66 -6.17 26.69
CA GLY B 64 18.97 -7.45 26.79
C GLY B 64 18.03 -7.49 27.99
N ASP B 65 18.49 -6.96 29.12
CA ASP B 65 17.67 -6.97 30.33
C ASP B 65 16.43 -6.07 30.21
N ARG B 66 16.50 -5.00 29.42
CA ARG B 66 15.33 -4.16 29.24
C ARG B 66 14.22 -5.00 28.62
N VAL B 67 14.60 -5.83 27.67
CA VAL B 67 13.65 -6.70 27.01
C VAL B 67 13.21 -7.82 27.94
N TYR B 68 14.17 -8.49 28.57
CA TYR B 68 13.86 -9.58 29.47
C TYR B 68 12.90 -9.16 30.58
N ASN B 69 13.22 -8.05 31.25
CA ASN B 69 12.38 -7.56 32.34
C ASN B 69 10.94 -7.30 31.89
N TRP B 70 10.78 -6.70 30.72
CA TRP B 70 9.44 -6.43 30.21
C TRP B 70 8.66 -7.72 29.96
N ALA B 71 9.33 -8.71 29.39
CA ALA B 71 8.69 -10.00 29.11
C ALA B 71 8.18 -10.67 30.38
N VAL B 72 9.07 -10.87 31.35
CA VAL B 72 8.68 -11.53 32.59
C VAL B 72 7.65 -10.73 33.37
N GLN B 73 7.83 -9.41 33.41
CA GLN B 73 6.90 -8.54 34.11
C GLN B 73 5.50 -8.67 33.52
N ASN B 74 5.43 -9.08 32.25
CA ASN B 74 4.15 -9.23 31.58
C ASN B 74 3.74 -10.68 31.32
N GLY B 75 4.33 -11.59 32.09
CA GLY B 75 3.99 -13.00 32.00
C GLY B 75 4.45 -13.80 30.80
N LYS B 76 5.46 -13.31 30.09
CA LYS B 76 5.94 -14.03 28.93
C LYS B 76 7.25 -14.78 29.19
N GLN B 77 7.44 -15.87 28.46
CA GLN B 77 8.68 -16.63 28.55
C GLN B 77 9.58 -15.93 27.53
N VAL B 78 10.84 -16.34 27.47
CA VAL B 78 11.78 -15.69 26.56
C VAL B 78 12.64 -16.64 25.73
N ARG B 79 12.82 -16.31 24.45
CA ARG B 79 13.69 -17.09 23.57
C ARG B 79 14.95 -16.24 23.45
N GLY B 80 16.11 -16.82 23.78
CA GLY B 80 17.37 -16.11 23.65
C GLY B 80 17.84 -16.20 22.21
N HIS B 81 18.26 -15.07 21.64
CA HIS B 81 18.67 -14.99 20.23
C HIS B 81 19.79 -13.95 20.06
N THR B 82 20.99 -14.31 19.58
CA THR B 82 21.45 -15.64 19.19
C THR B 82 22.91 -15.67 19.65
N LEU B 83 23.38 -16.82 20.12
CA LEU B 83 24.74 -16.93 20.67
C LEU B 83 25.95 -17.00 19.76
N ALA B 84 25.82 -17.70 18.64
CA ALA B 84 26.96 -17.84 17.74
C ALA B 84 26.52 -17.84 16.29
N TRP B 85 26.97 -16.84 15.55
CA TRP B 85 26.66 -16.73 14.13
C TRP B 85 27.55 -15.70 13.47
N HIS B 86 27.53 -15.66 12.15
CA HIS B 86 28.39 -14.77 11.38
C HIS B 86 27.94 -13.32 11.27
N SER B 87 26.66 -13.04 11.51
CA SER B 87 26.15 -11.70 11.36
C SER B 87 26.10 -10.83 12.62
N GLN B 88 26.14 -9.51 12.39
CA GLN B 88 26.10 -8.53 13.47
C GLN B 88 27.15 -8.79 14.56
N GLN B 89 28.32 -9.26 14.14
CA GLN B 89 29.41 -9.51 15.08
C GLN B 89 30.09 -8.18 15.39
N PRO B 90 30.49 -7.97 16.64
CA PRO B 90 31.16 -6.70 16.96
C PRO B 90 32.50 -6.70 16.22
N GLY B 91 33.05 -5.50 16.00
CA GLY B 91 34.30 -5.37 15.29
C GLY B 91 35.43 -6.27 15.77
N TRP B 92 35.63 -6.34 17.08
CA TRP B 92 36.70 -7.16 17.62
C TRP B 92 36.57 -8.64 17.25
N MET B 93 35.33 -9.12 17.11
CA MET B 93 35.14 -10.53 16.76
C MET B 93 35.33 -10.76 15.26
N GLN B 94 34.95 -9.78 14.46
CA GLN B 94 35.10 -9.88 13.01
C GLN B 94 36.58 -10.01 12.64
N SER B 95 37.44 -9.46 13.48
CA SER B 95 38.88 -9.51 13.24
C SER B 95 39.53 -10.82 13.69
N LEU B 96 38.72 -11.71 14.26
CA LEU B 96 39.25 -12.99 14.74
C LEU B 96 39.09 -14.15 13.78
N SER B 97 39.98 -15.13 13.89
CA SER B 97 39.94 -16.33 13.06
C SER B 97 40.64 -17.46 13.81
N GLY B 98 40.49 -18.68 13.29
CA GLY B 98 41.12 -19.84 13.90
C GLY B 98 40.81 -20.09 15.37
N SER B 99 41.78 -20.65 16.07
CA SER B 99 41.61 -20.98 17.49
C SER B 99 41.21 -19.78 18.33
N THR B 100 41.74 -18.61 18.00
CA THR B 100 41.41 -17.42 18.77
C THR B 100 39.91 -17.14 18.67
N LEU B 101 39.36 -17.24 17.46
CA LEU B 101 37.93 -17.02 17.29
C LEU B 101 37.13 -18.12 17.98
N ARG B 102 37.61 -19.35 17.88
CA ARG B 102 36.92 -20.48 18.50
C ARG B 102 36.73 -20.27 20.01
N GLN B 103 37.80 -19.86 20.70
CA GLN B 103 37.68 -19.66 22.15
C GLN B 103 36.83 -18.45 22.48
N ALA B 104 36.87 -17.42 21.63
CA ALA B 104 36.06 -16.24 21.85
C ALA B 104 34.58 -16.65 21.72
N MET B 105 34.30 -17.56 20.80
CA MET B 105 32.92 -18.03 20.59
C MET B 105 32.43 -18.75 21.85
N ILE B 106 33.29 -19.61 22.38
CA ILE B 106 32.99 -20.37 23.59
C ILE B 106 32.81 -19.41 24.76
N ASP B 107 33.73 -18.45 24.90
CA ASP B 107 33.68 -17.48 25.99
C ASP B 107 32.38 -16.67 25.95
N HIS B 108 31.96 -16.31 24.74
CA HIS B 108 30.74 -15.52 24.59
C HIS B 108 29.51 -16.32 25.04
N ILE B 109 29.43 -17.57 24.60
CA ILE B 109 28.32 -18.43 24.98
C ILE B 109 28.24 -18.53 26.50
N ASN B 110 29.37 -18.80 27.15
CA ASN B 110 29.39 -18.91 28.60
C ASN B 110 28.96 -17.63 29.29
N GLY B 111 29.48 -16.50 28.84
CA GLY B 111 29.12 -15.23 29.44
C GLY B 111 27.65 -14.88 29.36
N VAL B 112 27.08 -14.95 28.17
CA VAL B 112 25.67 -14.61 27.99
C VAL B 112 24.72 -15.60 28.66
N MET B 113 24.93 -16.90 28.44
CA MET B 113 24.04 -17.88 29.06
C MET B 113 24.13 -17.83 30.57
N GLY B 114 25.32 -17.55 31.10
CA GLY B 114 25.49 -17.48 32.54
C GLY B 114 24.64 -16.37 33.16
N HIS B 115 24.57 -15.23 32.50
CA HIS B 115 23.79 -14.10 33.01
C HIS B 115 22.31 -14.44 33.06
N TYR B 116 21.85 -15.22 32.10
CA TYR B 116 20.43 -15.59 32.01
C TYR B 116 20.15 -17.02 32.45
N LYS B 117 21.12 -17.65 33.10
CA LYS B 117 20.97 -19.05 33.52
C LYS B 117 19.65 -19.40 34.18
N GLY B 118 18.96 -20.38 33.60
CA GLY B 118 17.69 -20.83 34.12
C GLY B 118 16.49 -19.96 33.84
N LYS B 119 16.67 -18.85 33.12
CA LYS B 119 15.58 -17.94 32.82
C LYS B 119 15.12 -17.95 31.36
N ILE B 120 15.75 -18.76 30.54
CA ILE B 120 15.43 -18.82 29.11
C ILE B 120 14.82 -20.15 28.68
N ALA B 121 13.67 -20.10 28.02
CA ALA B 121 12.99 -21.31 27.56
C ALA B 121 13.74 -21.97 26.42
N GLN B 122 14.19 -21.15 25.48
CA GLN B 122 14.94 -21.62 24.30
C GLN B 122 16.05 -20.65 23.93
N TRP B 123 17.21 -21.19 23.55
CA TRP B 123 18.33 -20.36 23.08
C TRP B 123 18.63 -20.74 21.64
N ASP B 124 18.77 -19.75 20.77
CA ASP B 124 19.17 -20.05 19.40
C ASP B 124 20.68 -20.04 19.58
N VAL B 125 21.27 -21.20 19.81
CA VAL B 125 22.71 -21.30 20.04
C VAL B 125 23.50 -20.92 18.80
N VAL B 126 23.10 -21.49 17.66
CA VAL B 126 23.74 -21.20 16.39
C VAL B 126 22.64 -20.88 15.37
N SER B 127 22.91 -19.92 14.48
CA SER B 127 21.97 -19.51 13.45
C SER B 127 22.68 -19.25 12.12
N HIS B 128 21.95 -19.35 11.02
CA HIS B 128 22.48 -19.08 9.67
C HIS B 128 23.78 -19.78 9.29
N ALA B 129 23.98 -21.03 9.72
CA ALA B 129 25.23 -21.72 9.39
C ALA B 129 25.29 -22.33 7.99
N PHE B 130 24.16 -22.42 7.31
CA PHE B 130 24.15 -23.01 5.98
C PHE B 130 24.03 -21.99 4.86
N SER B 131 24.62 -22.33 3.71
CA SER B 131 24.62 -21.43 2.56
C SER B 131 23.33 -21.44 1.77
N ASP B 132 23.18 -20.42 0.91
CA ASP B 132 22.02 -20.30 0.04
C ASP B 132 22.44 -20.60 -1.40
N ASP B 133 23.65 -21.10 -1.60
CA ASP B 133 24.14 -21.37 -2.95
C ASP B 133 23.61 -22.64 -3.61
N GLY B 134 22.73 -23.36 -2.93
CA GLY B 134 22.16 -24.58 -3.49
C GLY B 134 22.98 -25.85 -3.33
N SER B 135 24.15 -25.74 -2.72
CA SER B 135 25.01 -26.91 -2.51
C SER B 135 24.59 -27.69 -1.27
N GLY B 136 23.83 -27.04 -0.40
CA GLY B 136 23.40 -27.69 0.83
C GLY B 136 24.53 -27.71 1.84
N GLY B 137 25.59 -26.95 1.56
CA GLY B 137 26.73 -26.92 2.46
C GLY B 137 26.75 -25.76 3.44
N ARG B 138 27.82 -25.69 4.23
CA ARG B 138 27.98 -24.66 5.24
C ARG B 138 28.32 -23.29 4.64
N ARG B 139 27.86 -22.24 5.30
CA ARG B 139 28.15 -20.87 4.88
C ARG B 139 29.63 -20.65 5.19
N ASP B 140 30.35 -20.00 4.28
CA ASP B 140 31.78 -19.76 4.49
C ASP B 140 32.03 -18.48 5.32
N SER B 141 32.01 -18.64 6.64
CA SER B 141 32.22 -17.52 7.55
C SER B 141 33.49 -17.74 8.36
N ASN B 142 33.87 -16.74 9.16
CA ASN B 142 35.04 -16.89 10.00
C ASN B 142 34.84 -18.06 10.97
N LEU B 143 33.62 -18.23 11.46
CA LEU B 143 33.30 -19.33 12.37
C LEU B 143 33.47 -20.69 11.70
N GLN B 144 32.97 -20.82 10.47
CA GLN B 144 33.09 -22.08 9.74
C GLN B 144 34.55 -22.41 9.46
N ARG B 145 35.35 -21.36 9.23
CA ARG B 145 36.77 -21.55 8.96
C ARG B 145 37.56 -22.07 10.15
N THR B 146 37.00 -21.97 11.36
CA THR B 146 37.70 -22.45 12.54
C THR B 146 37.67 -23.97 12.56
N GLY B 147 36.73 -24.54 11.80
CA GLY B 147 36.60 -25.99 11.75
C GLY B 147 35.14 -26.37 11.63
N ASN B 148 34.85 -27.42 10.87
CA ASN B 148 33.47 -27.86 10.66
C ASN B 148 32.77 -28.21 11.97
N ASP B 149 33.53 -28.48 13.02
CA ASP B 149 32.98 -28.83 14.32
C ASP B 149 32.58 -27.64 15.19
N TRP B 150 32.64 -26.42 14.66
CA TRP B 150 32.29 -25.26 15.48
C TRP B 150 30.86 -25.28 16.01
N ILE B 151 29.93 -25.78 15.21
CA ILE B 151 28.53 -25.83 15.63
C ILE B 151 28.38 -26.82 16.80
N GLU B 152 28.95 -28.01 16.65
CA GLU B 152 28.89 -29.02 17.71
C GLU B 152 29.45 -28.47 19.01
N VAL B 153 30.60 -27.79 18.93
CA VAL B 153 31.23 -27.22 20.11
C VAL B 153 30.34 -26.17 20.76
N ALA B 154 29.68 -25.37 19.93
CA ALA B 154 28.79 -24.34 20.46
C ALA B 154 27.68 -24.98 21.30
N PHE B 155 27.08 -26.04 20.76
CA PHE B 155 26.01 -26.73 21.49
C PHE B 155 26.49 -27.42 22.77
N ARG B 156 27.63 -28.10 22.69
CA ARG B 156 28.15 -28.75 23.89
C ARG B 156 28.44 -27.68 24.95
N THR B 157 28.95 -26.53 24.51
CA THR B 157 29.26 -25.44 25.43
C THR B 157 27.98 -24.91 26.09
N ALA B 158 26.96 -24.69 25.26
CA ALA B 158 25.67 -24.19 25.73
C ALA B 158 25.00 -25.12 26.75
N ARG B 159 25.03 -26.42 26.48
CA ARG B 159 24.41 -27.38 27.40
C ARG B 159 24.98 -27.27 28.80
N ALA B 160 26.31 -27.16 28.87
CA ALA B 160 26.99 -27.06 30.15
C ALA B 160 26.70 -25.74 30.85
N ALA B 161 26.62 -24.65 30.08
CA ALA B 161 26.36 -23.33 30.63
C ALA B 161 24.98 -23.21 31.26
N ASP B 162 23.98 -23.83 30.65
CA ASP B 162 22.62 -23.78 31.18
C ASP B 162 21.83 -25.00 30.73
N PRO B 163 21.87 -26.08 31.53
CA PRO B 163 21.18 -27.34 31.26
C PRO B 163 19.67 -27.23 31.19
N ALA B 164 19.12 -26.13 31.71
CA ALA B 164 17.67 -25.94 31.72
C ALA B 164 17.07 -25.38 30.44
N ALA B 165 17.90 -24.79 29.58
CA ALA B 165 17.40 -24.21 28.34
C ALA B 165 17.36 -25.20 27.18
N LYS B 166 16.32 -25.10 26.35
CA LYS B 166 16.23 -25.95 25.18
C LYS B 166 17.17 -25.29 24.18
N LEU B 167 18.06 -26.07 23.59
CA LEU B 167 19.03 -25.52 22.65
C LEU B 167 18.59 -25.73 21.21
N CYS B 168 18.45 -24.63 20.47
CA CYS B 168 18.01 -24.73 19.08
C CYS B 168 19.04 -24.28 18.05
N TYR B 169 18.91 -24.87 16.87
CA TYR B 169 19.71 -24.47 15.72
C TYR B 169 18.64 -23.68 14.96
N ASN B 170 18.96 -22.48 14.52
CA ASN B 170 17.98 -21.63 13.85
C ASN B 170 18.46 -21.20 12.44
N ASP B 171 17.59 -21.31 11.44
CA ASP B 171 17.97 -20.90 10.08
C ASP B 171 16.77 -20.51 9.24
N TYR B 172 17.03 -19.90 8.09
CA TYR B 172 15.97 -19.47 7.18
C TYR B 172 16.10 -20.23 5.86
N ASN B 173 15.02 -20.22 5.09
CA ASN B 173 14.98 -20.92 3.80
C ASN B 173 15.22 -22.42 4.01
N ILE B 174 14.75 -22.94 5.13
CA ILE B 174 14.88 -24.36 5.41
C ILE B 174 13.48 -24.93 5.65
N GLU B 175 12.48 -24.24 5.13
CA GLU B 175 11.09 -24.65 5.30
C GLU B 175 10.60 -25.56 4.18
N ASN B 176 11.03 -25.29 2.96
CA ASN B 176 10.61 -26.10 1.82
C ASN B 176 11.48 -27.36 1.84
N TRP B 177 10.84 -28.52 1.99
CA TRP B 177 11.60 -29.77 2.06
C TRP B 177 12.50 -30.07 0.88
N THR B 178 12.09 -29.67 -0.31
CA THR B 178 12.88 -29.95 -1.51
C THR B 178 14.17 -29.16 -1.66
N TRP B 179 14.35 -28.10 -0.88
CA TRP B 179 15.55 -27.27 -0.98
C TRP B 179 16.80 -27.94 -0.40
N ALA B 180 17.94 -27.75 -1.10
CA ALA B 180 19.20 -28.33 -0.66
C ALA B 180 19.54 -27.91 0.77
N LYS B 181 19.34 -26.64 1.07
CA LYS B 181 19.62 -26.09 2.39
C LYS B 181 18.87 -26.85 3.49
N THR B 182 17.58 -27.07 3.26
CA THR B 182 16.74 -27.78 4.22
C THR B 182 17.31 -29.17 4.54
N GLN B 183 17.70 -29.91 3.49
CA GLN B 183 18.22 -31.25 3.68
C GLN B 183 19.61 -31.25 4.30
N GLY B 184 20.36 -30.17 4.09
CA GLY B 184 21.69 -30.09 4.67
C GLY B 184 21.58 -29.94 6.18
N VAL B 185 20.61 -29.13 6.62
CA VAL B 185 20.40 -28.92 8.04
C VAL B 185 19.85 -30.21 8.66
N TYR B 186 19.00 -30.92 7.92
CA TYR B 186 18.44 -32.18 8.42
C TYR B 186 19.57 -33.18 8.68
N ASN B 187 20.49 -33.31 7.73
CA ASN B 187 21.60 -34.24 7.90
C ASN B 187 22.45 -33.89 9.11
N MET B 188 22.66 -32.62 9.36
CA MET B 188 23.47 -32.20 10.50
C MET B 188 22.79 -32.55 11.82
N VAL B 189 21.51 -32.20 11.94
CA VAL B 189 20.77 -32.50 13.16
C VAL B 189 20.72 -34.01 13.36
N ARG B 190 20.57 -34.76 12.26
CA ARG B 190 20.52 -36.20 12.34
C ARG B 190 21.84 -36.73 12.90
N ASP B 191 22.94 -36.21 12.36
CA ASP B 191 24.28 -36.62 12.81
C ASP B 191 24.43 -36.30 14.30
N PHE B 192 24.03 -35.09 14.68
CA PHE B 192 24.11 -34.64 16.07
C PHE B 192 23.40 -35.60 17.04
N LYS B 193 22.13 -35.91 16.76
CA LYS B 193 21.38 -36.82 17.63
C LYS B 193 21.97 -38.22 17.65
N GLN B 194 22.52 -38.65 16.52
CA GLN B 194 23.11 -39.98 16.44
C GLN B 194 24.38 -40.09 17.27
N ARG B 195 25.14 -39.00 17.35
CA ARG B 195 26.39 -39.00 18.10
C ARG B 195 26.25 -38.46 19.52
N GLY B 196 25.04 -38.04 19.90
CA GLY B 196 24.85 -37.53 21.24
C GLY B 196 25.15 -36.05 21.43
N VAL B 197 25.30 -35.31 20.33
CA VAL B 197 25.55 -33.87 20.43
C VAL B 197 24.26 -33.27 20.98
N PRO B 198 24.35 -32.50 22.06
CA PRO B 198 23.14 -31.90 22.64
C PRO B 198 22.46 -30.82 21.82
N ILE B 199 21.31 -31.16 21.24
CA ILE B 199 20.50 -30.22 20.48
C ILE B 199 19.07 -30.66 20.76
N ASP B 200 18.23 -29.71 21.20
CA ASP B 200 16.85 -30.01 21.58
C ASP B 200 15.81 -29.51 20.60
N CYS B 201 16.19 -28.56 19.74
CA CYS B 201 15.23 -27.99 18.82
C CYS B 201 15.82 -27.38 17.55
N VAL B 202 14.95 -27.21 16.57
CA VAL B 202 15.34 -26.58 15.32
C VAL B 202 14.33 -25.47 15.10
N GLY B 203 14.83 -24.27 14.87
CA GLY B 203 13.96 -23.14 14.64
C GLY B 203 13.90 -22.82 13.15
N PHE B 204 12.68 -22.68 12.65
CA PHE B 204 12.47 -22.34 11.25
C PHE B 204 12.00 -20.89 11.25
N GLN B 205 12.91 -19.99 10.88
CA GLN B 205 12.61 -18.56 10.87
C GLN B 205 11.33 -18.22 10.13
N SER B 206 11.08 -18.93 9.03
CA SER B 206 9.87 -18.72 8.26
C SER B 206 9.63 -17.31 7.71
N HIS B 207 10.64 -16.77 7.04
CA HIS B 207 10.50 -15.45 6.42
C HIS B 207 10.04 -15.75 5.00
N PHE B 208 8.72 -15.76 4.80
CA PHE B 208 8.13 -16.08 3.50
C PHE B 208 7.82 -14.86 2.62
N ASN B 209 8.10 -15.00 1.33
CA ASN B 209 7.81 -13.95 0.34
C ASN B 209 7.79 -14.61 -1.05
N SER B 210 7.41 -13.87 -2.08
CA SER B 210 7.34 -14.50 -3.40
C SER B 210 8.69 -15.02 -3.91
N GLY B 211 9.77 -14.59 -3.28
CA GLY B 211 11.09 -15.06 -3.67
C GLY B 211 11.39 -16.40 -3.01
N SER B 212 10.81 -16.59 -1.83
CA SER B 212 10.97 -17.82 -1.06
C SER B 212 9.61 -18.09 -0.45
N PRO B 213 8.64 -18.49 -1.28
CA PRO B 213 7.27 -18.76 -0.84
C PRO B 213 7.02 -19.95 0.08
N TYR B 214 5.99 -19.80 0.91
CA TYR B 214 5.58 -20.86 1.80
C TYR B 214 5.10 -21.98 0.89
N ASN B 215 5.37 -23.21 1.31
CA ASN B 215 4.95 -24.37 0.54
C ASN B 215 4.32 -25.33 1.55
N SER B 216 3.23 -25.99 1.16
CA SER B 216 2.57 -26.90 2.08
C SER B 216 3.44 -28.07 2.54
N ASN B 217 4.53 -28.36 1.82
CA ASN B 217 5.37 -29.47 2.26
C ASN B 217 6.12 -29.12 3.55
N PHE B 218 5.94 -27.87 4.01
CA PHE B 218 6.56 -27.40 5.24
C PHE B 218 6.14 -28.34 6.37
N ARG B 219 4.90 -28.84 6.31
CA ARG B 219 4.45 -29.75 7.36
C ARG B 219 5.31 -31.01 7.39
N THR B 220 5.66 -31.53 6.22
CA THR B 220 6.51 -32.72 6.20
C THR B 220 7.92 -32.38 6.66
N THR B 221 8.36 -31.14 6.44
CA THR B 221 9.68 -30.73 6.89
C THR B 221 9.69 -30.79 8.41
N LEU B 222 8.65 -30.21 9.02
CA LEU B 222 8.52 -30.19 10.47
C LEU B 222 8.48 -31.62 11.02
N GLN B 223 7.66 -32.46 10.41
CA GLN B 223 7.52 -33.85 10.84
C GLN B 223 8.84 -34.59 10.73
N ASN B 224 9.56 -34.36 9.63
CA ASN B 224 10.85 -35.01 9.43
C ASN B 224 11.82 -34.67 10.56
N PHE B 225 11.92 -33.40 10.91
CA PHE B 225 12.84 -33.02 11.99
C PHE B 225 12.36 -33.54 13.35
N ALA B 226 11.05 -33.47 13.59
CA ALA B 226 10.51 -33.95 14.86
C ALA B 226 10.87 -35.42 15.04
N ALA B 227 10.88 -36.16 13.94
CA ALA B 227 11.18 -37.59 13.98
C ALA B 227 12.62 -37.89 14.42
N LEU B 228 13.47 -36.88 14.38
CA LEU B 228 14.87 -37.06 14.80
C LEU B 228 14.99 -36.95 16.31
N GLY B 229 13.88 -36.65 16.96
CA GLY B 229 13.91 -36.51 18.41
C GLY B 229 14.13 -35.09 18.92
N VAL B 230 13.79 -34.10 18.11
CA VAL B 230 13.94 -32.71 18.55
C VAL B 230 12.60 -32.01 18.42
N ASP B 231 12.41 -30.95 19.19
CA ASP B 231 11.19 -30.16 19.09
C ASP B 231 11.46 -29.21 17.93
N VAL B 232 10.40 -28.58 17.43
CA VAL B 232 10.55 -27.63 16.33
C VAL B 232 9.77 -26.38 16.70
N ALA B 233 10.20 -25.24 16.16
CA ALA B 233 9.52 -23.98 16.44
C ALA B 233 9.62 -23.04 15.26
N ILE B 234 8.55 -22.29 15.03
CA ILE B 234 8.50 -21.29 13.96
C ILE B 234 9.00 -20.06 14.72
N THR B 235 10.21 -19.63 14.40
CA THR B 235 10.86 -18.54 15.14
C THR B 235 10.78 -17.08 14.73
N GLU B 236 10.67 -16.80 13.44
CA GLU B 236 10.64 -15.40 13.01
C GLU B 236 9.65 -15.17 11.89
N LEU B 237 8.45 -15.72 12.06
CA LEU B 237 7.44 -15.63 11.04
C LEU B 237 6.96 -14.26 10.58
N ASP B 238 7.01 -14.06 9.27
CA ASP B 238 6.47 -12.88 8.61
C ASP B 238 6.23 -13.31 7.17
N ILE B 239 5.13 -12.84 6.61
CA ILE B 239 4.74 -13.21 5.26
C ILE B 239 4.46 -11.99 4.42
N GLN B 240 5.21 -11.86 3.33
CA GLN B 240 5.05 -10.74 2.42
C GLN B 240 3.59 -10.65 1.98
N GLY B 241 2.95 -9.53 2.30
CA GLY B 241 1.56 -9.33 1.92
C GLY B 241 0.59 -9.75 3.01
N ALA B 242 1.06 -10.59 3.92
CA ALA B 242 0.26 -11.09 5.03
C ALA B 242 -1.04 -11.78 4.59
N SER B 243 -0.94 -12.64 3.59
CA SER B 243 -2.10 -13.39 3.11
C SER B 243 -2.76 -14.09 4.29
N SER B 244 -4.08 -13.93 4.42
CA SER B 244 -4.79 -14.56 5.51
C SER B 244 -4.66 -16.08 5.42
N SER B 245 -4.79 -16.60 4.21
CA SER B 245 -4.70 -18.05 3.99
C SER B 245 -3.33 -18.61 4.29
N THR B 246 -2.27 -17.88 3.94
CA THR B 246 -0.93 -18.36 4.19
C THR B 246 -0.64 -18.33 5.69
N TYR B 247 -1.10 -17.28 6.37
CA TYR B 247 -0.88 -17.19 7.81
C TYR B 247 -1.60 -18.33 8.52
N ALA B 248 -2.81 -18.65 8.06
CA ALA B 248 -3.58 -19.73 8.65
C ALA B 248 -2.91 -21.06 8.36
N ALA B 249 -2.40 -21.23 7.14
CA ALA B 249 -1.75 -22.47 6.74
C ALA B 249 -0.53 -22.77 7.61
N VAL B 250 0.32 -21.77 7.82
CA VAL B 250 1.52 -21.95 8.64
C VAL B 250 1.13 -22.28 10.08
N THR B 251 0.11 -21.59 10.58
CA THR B 251 -0.36 -21.82 11.93
C THR B 251 -0.83 -23.27 12.05
N ASN B 252 -1.62 -23.73 11.08
CA ASN B 252 -2.13 -25.09 11.10
C ASN B 252 -1.03 -26.15 10.96
N ASP B 253 0.08 -25.79 10.33
CA ASP B 253 1.18 -26.75 10.19
C ASP B 253 1.75 -27.02 11.58
N CYS B 254 1.95 -25.96 12.36
CA CYS B 254 2.48 -26.13 13.70
C CYS B 254 1.49 -26.91 14.56
N LEU B 255 0.21 -26.57 14.46
CA LEU B 255 -0.84 -27.23 15.22
C LEU B 255 -0.96 -28.73 14.88
N ALA B 256 -0.51 -29.10 13.68
CA ALA B 256 -0.58 -30.49 13.25
C ALA B 256 0.59 -31.34 13.74
N VAL B 257 1.69 -30.69 14.11
CA VAL B 257 2.89 -31.38 14.58
C VAL B 257 3.02 -31.28 16.10
N SER B 258 2.82 -32.40 16.78
CA SER B 258 2.86 -32.42 18.25
C SER B 258 4.11 -31.81 18.87
N ARG B 259 5.24 -31.93 18.18
CA ARG B 259 6.50 -31.39 18.69
C ARG B 259 6.72 -29.90 18.36
N CYS B 260 5.77 -29.27 17.69
CA CYS B 260 5.91 -27.85 17.39
C CYS B 260 5.52 -27.07 18.64
N LEU B 261 6.51 -26.46 19.28
CA LEU B 261 6.32 -25.71 20.52
C LEU B 261 5.47 -24.45 20.41
N GLY B 262 5.55 -23.78 19.27
CA GLY B 262 4.79 -22.56 19.10
C GLY B 262 5.25 -21.75 17.92
N ILE B 263 4.71 -20.55 17.80
CA ILE B 263 5.03 -19.69 16.69
C ILE B 263 5.32 -18.27 17.15
N THR B 264 6.37 -17.68 16.60
CA THR B 264 6.76 -16.31 16.92
C THR B 264 6.76 -15.54 15.60
N VAL B 265 6.07 -14.39 15.57
CA VAL B 265 6.06 -13.55 14.38
C VAL B 265 7.15 -12.51 14.63
N TRP B 266 7.87 -12.12 13.58
CA TRP B 266 8.97 -11.19 13.75
C TRP B 266 8.58 -9.72 13.84
N GLY B 267 7.92 -9.37 14.94
CA GLY B 267 7.51 -7.99 15.14
C GLY B 267 6.05 -7.85 15.54
N VAL B 268 5.69 -6.65 15.97
CA VAL B 268 4.33 -6.36 16.40
C VAL B 268 3.52 -5.76 15.25
N ARG B 269 3.82 -4.51 14.87
CA ARG B 269 3.12 -3.84 13.78
C ARG B 269 4.00 -3.78 12.52
N ASP B 270 3.39 -3.67 11.35
CA ASP B 270 4.15 -3.60 10.10
C ASP B 270 5.22 -2.50 10.16
N THR B 271 4.89 -1.40 10.83
CA THR B 271 5.82 -0.28 10.94
C THR B 271 7.04 -0.62 11.79
N ASP B 272 6.95 -1.70 12.58
CA ASP B 272 8.08 -2.11 13.42
C ASP B 272 8.89 -3.21 12.72
N SER B 273 8.37 -3.68 11.59
CA SER B 273 9.03 -4.76 10.85
C SER B 273 10.34 -4.39 10.16
N TRP B 274 11.27 -5.34 10.13
CA TRP B 274 12.55 -5.12 9.49
C TRP B 274 12.30 -5.06 7.98
N ARG B 275 11.10 -5.44 7.57
CA ARG B 275 10.70 -5.42 6.17
C ARG B 275 9.31 -4.81 6.03
N SER B 276 9.15 -3.61 6.57
CA SER B 276 7.87 -2.90 6.55
C SER B 276 7.25 -2.79 5.16
N GLY B 277 8.10 -2.70 4.13
CA GLY B 277 7.60 -2.60 2.77
C GLY B 277 6.78 -3.80 2.33
N ASP B 278 7.00 -4.95 2.99
CA ASP B 278 6.28 -6.16 2.66
C ASP B 278 5.03 -6.33 3.55
N THR B 279 4.71 -5.30 4.35
CA THR B 279 3.55 -5.33 5.26
C THR B 279 3.31 -6.79 5.60
N PRO B 280 4.31 -7.44 6.22
CA PRO B 280 4.28 -8.85 6.59
C PRO B 280 3.81 -9.32 7.95
N LEU B 281 3.35 -8.40 8.81
CA LEU B 281 2.90 -8.81 10.15
C LEU B 281 1.38 -8.83 10.34
N LEU B 282 0.95 -9.02 11.58
CA LEU B 282 -0.48 -9.14 11.89
C LEU B 282 -1.21 -7.87 12.28
N PHE B 283 -0.47 -6.80 12.57
CA PHE B 283 -1.09 -5.53 12.92
C PHE B 283 -0.58 -4.43 12.00
N ASN B 284 -1.45 -3.47 11.69
CA ASN B 284 -1.08 -2.35 10.83
C ASN B 284 -0.36 -1.28 11.63
N GLY B 285 0.11 -0.25 10.92
CA GLY B 285 0.82 0.83 11.57
C GLY B 285 0.03 1.54 12.65
N ASP B 286 -1.29 1.64 12.48
CA ASP B 286 -2.10 2.31 13.49
C ASP B 286 -2.54 1.36 14.59
N GLY B 287 -1.94 0.16 14.60
CA GLY B 287 -2.25 -0.82 15.62
C GLY B 287 -3.51 -1.64 15.39
N SER B 288 -4.12 -1.52 14.22
CA SER B 288 -5.33 -2.28 13.96
C SER B 288 -5.02 -3.72 13.56
N LYS B 289 -5.89 -4.64 13.97
CA LYS B 289 -5.73 -6.04 13.63
C LYS B 289 -6.04 -6.22 12.15
N LYS B 290 -5.21 -6.99 11.46
CA LYS B 290 -5.43 -7.22 10.04
C LYS B 290 -6.29 -8.48 9.87
N ALA B 291 -6.80 -8.69 8.68
CA ALA B 291 -7.63 -9.87 8.40
C ALA B 291 -6.83 -11.12 8.76
N ALA B 292 -5.51 -11.06 8.54
CA ALA B 292 -4.64 -12.19 8.84
C ALA B 292 -4.69 -12.51 10.33
N TYR B 293 -4.82 -11.49 11.18
CA TYR B 293 -4.87 -11.72 12.62
C TYR B 293 -6.06 -12.62 12.94
N THR B 294 -7.21 -12.28 12.37
CA THR B 294 -8.41 -13.07 12.61
C THR B 294 -8.25 -14.50 12.10
N ALA B 295 -7.56 -14.65 10.97
CA ALA B 295 -7.34 -15.97 10.39
C ALA B 295 -6.44 -16.84 11.29
N VAL B 296 -5.44 -16.22 11.90
CA VAL B 296 -4.54 -16.93 12.80
C VAL B 296 -5.27 -17.33 14.07
N LEU B 297 -5.99 -16.38 14.66
CA LEU B 297 -6.74 -16.64 15.89
C LEU B 297 -7.74 -17.77 15.68
N ASN B 298 -8.45 -17.73 14.55
CA ASN B 298 -9.43 -18.75 14.21
C ASN B 298 -8.77 -20.13 14.16
N ALA B 299 -7.60 -20.20 13.51
CA ALA B 299 -6.87 -21.46 13.40
C ALA B 299 -6.47 -21.98 14.78
N LEU B 300 -5.85 -21.11 15.57
CA LEU B 300 -5.42 -21.50 16.91
C LEU B 300 -6.61 -22.02 17.72
N ASN B 301 -7.77 -21.40 17.52
CA ASN B 301 -8.98 -21.78 18.23
C ASN B 301 -9.66 -23.03 17.68
N GLY B 302 -9.04 -23.66 16.68
CA GLY B 302 -9.60 -24.88 16.13
C GLY B 302 -10.29 -24.78 14.78
N GLY B 303 -10.54 -23.57 14.29
CA GLY B 303 -11.20 -23.44 13.00
C GLY B 303 -12.64 -23.89 13.08
N GLY B 313 -20.21 -15.61 -2.77
CA GLY B 313 -21.17 -16.01 -1.69
C GLY B 313 -21.99 -14.85 -1.15
N GLN B 314 -23.18 -15.17 -0.66
CA GLN B 314 -24.07 -14.15 -0.12
C GLN B 314 -23.70 -13.86 1.34
N ILE B 315 -24.18 -12.73 1.85
CA ILE B 315 -23.94 -12.34 3.23
C ILE B 315 -25.26 -11.81 3.79
N LYS B 316 -25.97 -12.66 4.52
CA LYS B 316 -27.25 -12.26 5.10
C LYS B 316 -27.11 -11.91 6.57
N GLY B 317 -27.83 -10.88 6.99
CA GLY B 317 -27.78 -10.45 8.37
C GLY B 317 -28.67 -11.29 9.26
N VAL B 318 -28.08 -11.85 10.31
CA VAL B 318 -28.82 -12.67 11.27
C VAL B 318 -29.65 -11.74 12.13
N GLY B 319 -30.91 -11.57 11.76
CA GLY B 319 -31.79 -10.69 12.51
C GLY B 319 -32.49 -9.79 11.50
N SER B 320 -32.46 -10.21 10.25
CA SER B 320 -33.08 -9.48 9.16
C SER B 320 -33.51 -10.45 8.07
N GLY B 321 -32.74 -11.52 7.89
CA GLY B 321 -33.04 -12.49 6.86
C GLY B 321 -32.74 -11.93 5.49
N ARG B 322 -32.34 -10.66 5.45
CA ARG B 322 -32.00 -9.98 4.19
C ARG B 322 -30.51 -10.08 3.91
N CYS B 323 -30.15 -10.01 2.64
CA CYS B 323 -28.73 -10.11 2.24
C CYS B 323 -28.11 -8.77 1.85
N LEU B 324 -26.80 -8.68 2.00
CA LEU B 324 -26.05 -7.48 1.66
C LEU B 324 -26.24 -7.31 0.15
N ASP B 325 -26.83 -6.20 -0.25
CA ASP B 325 -27.12 -5.96 -1.65
C ASP B 325 -26.75 -4.57 -2.17
N VAL B 326 -26.26 -4.52 -3.40
CA VAL B 326 -25.90 -3.24 -4.02
C VAL B 326 -27.14 -2.81 -4.82
N PRO B 327 -27.80 -1.73 -4.39
CA PRO B 327 -29.01 -1.19 -5.04
C PRO B 327 -29.02 -1.27 -6.57
N ASN B 328 -30.10 -1.83 -7.10
CA ASN B 328 -30.30 -1.98 -8.54
C ASN B 328 -29.10 -2.57 -9.28
N ALA B 329 -28.31 -3.38 -8.58
CA ALA B 329 -27.14 -3.99 -9.20
C ALA B 329 -26.25 -2.94 -9.86
N SER B 330 -26.19 -1.77 -9.25
CA SER B 330 -25.37 -0.67 -9.76
C SER B 330 -23.89 -1.00 -9.60
N THR B 331 -23.06 -0.42 -10.47
CA THR B 331 -21.62 -0.62 -10.39
C THR B 331 -20.97 0.74 -10.21
N THR B 332 -21.78 1.74 -9.87
CA THR B 332 -21.32 3.10 -9.68
C THR B 332 -20.64 3.30 -8.33
N ASP B 333 -19.40 3.80 -8.38
CA ASP B 333 -18.65 4.05 -7.16
C ASP B 333 -19.41 5.03 -6.28
N GLY B 334 -19.44 4.74 -4.98
CA GLY B 334 -20.14 5.62 -4.06
C GLY B 334 -21.56 5.19 -3.75
N THR B 335 -21.97 4.05 -4.30
CA THR B 335 -23.33 3.55 -4.06
C THR B 335 -23.38 2.84 -2.70
N GLN B 336 -24.19 3.37 -1.79
CA GLN B 336 -24.33 2.77 -0.47
C GLN B 336 -25.05 1.45 -0.56
N VAL B 337 -24.55 0.45 0.16
CA VAL B 337 -25.15 -0.88 0.14
C VAL B 337 -26.38 -0.96 1.03
N GLN B 338 -27.19 -2.00 0.81
CA GLN B 338 -28.43 -2.16 1.56
C GLN B 338 -28.75 -3.61 1.84
N LEU B 339 -29.86 -3.83 2.56
CA LEU B 339 -30.35 -5.15 2.87
C LEU B 339 -31.44 -5.41 1.84
N TYR B 340 -31.49 -6.62 1.30
CA TYR B 340 -32.50 -6.95 0.30
C TYR B 340 -32.78 -8.44 0.28
N ASP B 341 -33.97 -8.82 -0.20
CA ASP B 341 -34.34 -10.22 -0.29
C ASP B 341 -33.24 -10.98 -1.04
N CYS B 342 -32.63 -11.93 -0.35
CA CYS B 342 -31.56 -12.73 -0.92
C CYS B 342 -31.92 -13.38 -2.25
N HIS B 343 -30.98 -13.35 -3.18
CA HIS B 343 -31.18 -13.95 -4.50
C HIS B 343 -29.84 -14.40 -5.07
N SER B 344 -29.84 -14.86 -6.32
CA SER B 344 -28.61 -15.34 -6.94
C SER B 344 -27.88 -14.33 -7.81
N ALA B 345 -28.41 -13.11 -7.92
CA ALA B 345 -27.78 -12.08 -8.74
C ALA B 345 -26.39 -11.72 -8.20
N THR B 346 -25.53 -11.26 -9.10
CA THR B 346 -24.16 -10.88 -8.75
C THR B 346 -24.06 -9.73 -7.76
N ASN B 347 -25.06 -8.85 -7.74
CA ASN B 347 -25.03 -7.70 -6.83
C ASN B 347 -25.22 -8.13 -5.38
N GLN B 348 -25.20 -9.43 -5.13
CA GLN B 348 -25.35 -9.98 -3.79
C GLN B 348 -24.30 -11.05 -3.53
N GLN B 349 -23.38 -11.20 -4.50
CA GLN B 349 -22.30 -12.18 -4.39
C GLN B 349 -21.03 -11.47 -3.93
N TRP B 350 -20.62 -11.75 -2.70
CA TRP B 350 -19.43 -11.13 -2.14
C TRP B 350 -18.29 -12.13 -1.96
N THR B 351 -17.09 -11.72 -2.33
CA THR B 351 -15.91 -12.57 -2.21
C THR B 351 -14.92 -11.98 -1.21
N TYR B 352 -14.61 -12.73 -0.17
CA TYR B 352 -13.66 -12.29 0.85
C TYR B 352 -12.27 -12.70 0.35
N THR B 353 -11.40 -11.72 0.13
CA THR B 353 -10.05 -12.01 -0.38
C THR B 353 -9.00 -12.19 0.71
N ASP B 354 -7.83 -12.68 0.33
CA ASP B 354 -6.72 -12.88 1.26
C ASP B 354 -6.22 -11.56 1.80
N ALA B 355 -6.54 -10.47 1.10
CA ALA B 355 -6.12 -9.15 1.51
C ALA B 355 -7.14 -8.54 2.47
N GLY B 356 -8.21 -9.28 2.76
CA GLY B 356 -9.22 -8.79 3.68
C GLY B 356 -10.33 -7.95 3.07
N GLU B 357 -10.48 -8.01 1.75
CA GLU B 357 -11.51 -7.24 1.06
C GLU B 357 -12.79 -8.05 0.90
N LEU B 358 -13.89 -7.34 0.69
CA LEU B 358 -15.18 -7.96 0.42
C LEU B 358 -15.51 -7.40 -0.95
N ARG B 359 -15.17 -8.18 -1.98
CA ARG B 359 -15.39 -7.78 -3.36
C ARG B 359 -16.72 -8.20 -3.96
N VAL B 360 -17.17 -7.40 -4.92
CA VAL B 360 -18.40 -7.64 -5.64
C VAL B 360 -18.11 -7.23 -7.09
N TYR B 361 -18.69 -7.95 -8.05
CA TYR B 361 -18.49 -7.67 -9.47
C TYR B 361 -17.05 -7.94 -9.92
N GLY B 362 -16.19 -8.36 -9.00
CA GLY B 362 -14.81 -8.63 -9.37
C GLY B 362 -13.79 -7.57 -9.01
N ASP B 363 -14.07 -6.31 -9.34
CA ASP B 363 -13.12 -5.25 -9.03
C ASP B 363 -13.70 -4.09 -8.21
N LYS B 364 -14.82 -4.33 -7.53
CA LYS B 364 -15.42 -3.31 -6.66
C LYS B 364 -15.26 -3.81 -5.22
N CYS B 365 -14.96 -2.89 -4.32
CA CYS B 365 -14.73 -3.23 -2.91
C CYS B 365 -15.69 -2.58 -1.91
N LEU B 366 -16.08 -3.33 -0.88
CA LEU B 366 -16.95 -2.78 0.18
C LEU B 366 -16.05 -1.68 0.74
N ASP B 367 -16.57 -0.46 0.76
CA ASP B 367 -15.79 0.70 1.15
C ASP B 367 -16.47 1.61 2.20
N ALA B 368 -15.67 2.10 3.13
CA ALA B 368 -16.16 3.01 4.17
C ALA B 368 -15.53 4.37 3.90
N ALA B 369 -16.37 5.38 3.72
CA ALA B 369 -15.90 6.73 3.44
C ALA B 369 -15.20 7.40 4.63
N GLY B 370 -15.58 7.03 5.84
CA GLY B 370 -14.99 7.63 7.02
C GLY B 370 -14.69 6.61 8.10
N THR B 371 -14.53 7.08 9.33
CA THR B 371 -14.23 6.19 10.45
C THR B 371 -15.18 6.27 11.65
N GLY B 372 -16.05 7.28 11.67
CA GLY B 372 -16.97 7.41 12.79
C GLY B 372 -18.31 6.71 12.62
N ASN B 373 -19.12 6.73 13.68
CA ASN B 373 -20.43 6.10 13.62
C ASN B 373 -21.27 6.80 12.57
N GLY B 374 -22.12 6.05 11.88
CA GLY B 374 -22.95 6.64 10.86
C GLY B 374 -22.27 6.69 9.50
N THR B 375 -21.00 6.32 9.45
CA THR B 375 -20.27 6.33 8.19
C THR B 375 -20.96 5.41 7.19
N LYS B 376 -21.24 5.96 6.01
CA LYS B 376 -21.89 5.21 4.96
C LYS B 376 -20.99 4.10 4.42
N VAL B 377 -21.54 2.89 4.30
CA VAL B 377 -20.80 1.76 3.76
C VAL B 377 -21.26 1.64 2.32
N GLN B 378 -20.30 1.67 1.39
CA GLN B 378 -20.62 1.64 -0.03
C GLN B 378 -19.63 0.79 -0.82
N ILE B 379 -19.72 0.88 -2.15
CA ILE B 379 -18.80 0.17 -3.02
C ILE B 379 -17.93 1.23 -3.70
N TYR B 380 -16.66 0.90 -3.93
CA TYR B 380 -15.72 1.81 -4.57
C TYR B 380 -14.66 0.93 -5.24
N SER B 381 -13.95 1.48 -6.21
CA SER B 381 -12.91 0.72 -6.89
C SER B 381 -11.89 0.22 -5.87
N CYS B 382 -11.48 -1.04 -6.01
CA CYS B 382 -10.51 -1.62 -5.09
C CYS B 382 -9.12 -1.03 -5.28
N TRP B 383 -8.51 -0.57 -4.19
CA TRP B 383 -7.17 0.00 -4.31
C TRP B 383 -6.24 -0.38 -3.15
N GLY B 384 -6.72 -1.21 -2.23
CA GLY B 384 -5.88 -1.62 -1.12
C GLY B 384 -5.96 -0.79 0.15
N GLY B 385 -6.80 0.23 0.17
CA GLY B 385 -6.93 1.05 1.36
C GLY B 385 -7.47 0.28 2.56
N ASP B 386 -7.06 0.66 3.77
CA ASP B 386 -7.54 -0.02 4.97
C ASP B 386 -9.04 0.16 5.19
N ASN B 387 -9.60 1.22 4.61
CA ASN B 387 -11.03 1.47 4.73
C ASN B 387 -11.80 0.52 3.81
N GLN B 388 -11.07 -0.39 3.17
CA GLN B 388 -11.66 -1.39 2.30
C GLN B 388 -11.30 -2.78 2.82
N LYS B 389 -10.85 -2.84 4.06
CA LYS B 389 -10.46 -4.12 4.67
C LYS B 389 -11.42 -4.45 5.81
N TRP B 390 -11.76 -5.73 5.93
CA TRP B 390 -12.71 -6.17 6.95
C TRP B 390 -12.29 -7.46 7.63
N ARG B 391 -12.73 -7.61 8.87
CA ARG B 391 -12.46 -8.82 9.64
C ARG B 391 -13.78 -9.51 9.94
N LEU B 392 -13.90 -10.78 9.51
CA LEU B 392 -15.11 -11.54 9.76
C LEU B 392 -14.91 -12.34 11.04
N ASN B 393 -15.40 -11.80 12.15
CA ASN B 393 -15.26 -12.45 13.44
C ASN B 393 -16.12 -13.68 13.62
N SER B 394 -15.64 -14.60 14.45
CA SER B 394 -16.35 -15.84 14.73
C SER B 394 -17.74 -15.59 15.29
N ASP B 395 -17.95 -14.45 15.92
CA ASP B 395 -19.25 -14.11 16.50
C ASP B 395 -20.24 -13.59 15.45
N GLY B 396 -19.84 -13.65 14.18
CA GLY B 396 -20.71 -13.19 13.12
C GLY B 396 -20.65 -11.72 12.76
N SER B 397 -19.86 -10.94 13.49
CA SER B 397 -19.74 -9.52 13.21
C SER B 397 -18.68 -9.26 12.15
N ILE B 398 -18.84 -8.15 11.43
CA ILE B 398 -17.88 -7.77 10.38
C ILE B 398 -17.34 -6.39 10.74
N VAL B 399 -16.06 -6.34 11.11
CA VAL B 399 -15.44 -5.10 11.54
C VAL B 399 -14.49 -4.48 10.50
N GLY B 400 -14.64 -3.16 10.31
CA GLY B 400 -13.77 -2.45 9.37
C GLY B 400 -12.41 -2.26 10.00
N VAL B 401 -11.36 -2.69 9.31
CA VAL B 401 -10.01 -2.58 9.84
C VAL B 401 -9.61 -1.17 10.26
N GLN B 402 -9.78 -0.21 9.35
CA GLN B 402 -9.41 1.17 9.66
C GLN B 402 -10.23 1.80 10.78
N SER B 403 -11.54 1.61 10.74
CA SER B 403 -12.43 2.21 11.72
C SER B 403 -12.57 1.45 13.05
N GLY B 404 -12.48 0.13 12.99
CA GLY B 404 -12.65 -0.65 14.19
C GLY B 404 -14.12 -0.69 14.54
N LEU B 405 -14.97 -0.28 13.58
CA LEU B 405 -16.41 -0.27 13.78
C LEU B 405 -17.08 -1.42 13.02
N CYS B 406 -18.25 -1.82 13.49
CA CYS B 406 -19.00 -2.93 12.89
C CYS B 406 -19.97 -2.55 11.77
N LEU B 407 -20.20 -3.48 10.86
CA LEU B 407 -21.16 -3.24 9.77
C LEU B 407 -22.49 -3.22 10.50
N ASP B 408 -23.25 -2.16 10.30
CA ASP B 408 -24.52 -2.00 10.99
C ASP B 408 -25.69 -1.62 10.09
N ALA B 409 -26.82 -2.32 10.27
CA ALA B 409 -28.03 -2.03 9.51
C ALA B 409 -28.69 -0.85 10.23
N VAL B 410 -28.69 0.31 9.58
CA VAL B 410 -29.24 1.53 10.14
C VAL B 410 -30.54 1.36 10.94
N GLY B 411 -30.56 1.94 12.13
CA GLY B 411 -31.72 1.87 13.00
C GLY B 411 -32.23 0.47 13.29
N GLY B 412 -31.39 -0.53 13.06
CA GLY B 412 -31.80 -1.90 13.30
C GLY B 412 -32.89 -2.34 12.35
N GLY B 413 -32.99 -1.65 11.21
CA GLY B 413 -34.00 -2.00 10.23
C GLY B 413 -33.83 -3.41 9.68
N THR B 414 -34.88 -3.95 9.09
CA THR B 414 -34.83 -5.30 8.53
C THR B 414 -35.50 -5.41 7.17
N ALA B 415 -36.20 -4.35 6.76
CA ALA B 415 -36.89 -4.34 5.49
C ALA B 415 -35.95 -4.03 4.32
N ASN B 416 -36.38 -4.40 3.11
CA ASN B 416 -35.58 -4.14 1.92
C ASN B 416 -35.35 -2.64 1.84
N GLY B 417 -34.12 -2.24 1.52
CA GLY B 417 -33.84 -0.82 1.42
C GLY B 417 -33.12 -0.27 2.63
N THR B 418 -33.11 -1.04 3.72
CA THR B 418 -32.42 -0.61 4.93
C THR B 418 -30.96 -0.43 4.53
N LEU B 419 -30.40 0.73 4.85
CA LEU B 419 -29.02 1.05 4.51
C LEU B 419 -28.01 0.50 5.52
N ILE B 420 -26.77 0.34 5.06
CA ILE B 420 -25.70 -0.18 5.91
C ILE B 420 -24.73 0.94 6.28
N GLN B 421 -24.29 0.96 7.53
CA GLN B 421 -23.37 1.97 8.01
C GLN B 421 -22.35 1.34 8.97
N LEU B 422 -21.43 2.15 9.45
CA LEU B 422 -20.44 1.70 10.42
C LEU B 422 -20.98 2.16 11.76
N TYR B 423 -20.80 1.34 12.80
CA TYR B 423 -21.28 1.71 14.12
C TYR B 423 -20.57 0.91 15.18
N SER B 424 -20.45 1.49 16.38
CA SER B 424 -19.79 0.81 17.48
C SER B 424 -20.38 -0.59 17.58
N CYS B 425 -19.53 -1.59 17.65
CA CYS B 425 -19.98 -2.97 17.74
C CYS B 425 -20.84 -3.16 18.99
N SER B 426 -21.92 -3.93 18.85
CA SER B 426 -22.82 -4.15 19.97
C SER B 426 -23.37 -5.58 20.05
N ASN B 427 -22.92 -6.45 19.16
CA ASN B 427 -23.38 -7.84 19.12
C ASN B 427 -24.87 -7.89 18.80
N GLY B 428 -25.44 -6.75 18.41
CA GLY B 428 -26.85 -6.70 18.07
C GLY B 428 -27.13 -7.57 16.87
N SER B 429 -28.40 -7.90 16.66
CA SER B 429 -28.80 -8.74 15.53
C SER B 429 -28.62 -8.00 14.20
N ASN B 430 -28.57 -6.68 14.26
CA ASN B 430 -28.40 -5.86 13.07
C ASN B 430 -26.91 -5.69 12.75
N GLN B 431 -26.09 -6.48 13.43
CA GLN B 431 -24.64 -6.43 13.24
C GLN B 431 -24.05 -7.83 13.08
N ARG B 432 -24.92 -8.85 13.10
CA ARG B 432 -24.48 -10.22 12.93
C ARG B 432 -24.79 -10.68 11.51
N TRP B 433 -23.85 -11.38 10.90
CA TRP B 433 -24.02 -11.84 9.52
C TRP B 433 -23.58 -13.29 9.37
N THR B 434 -23.98 -13.91 8.26
CA THR B 434 -23.62 -15.30 8.01
C THR B 434 -23.66 -15.65 6.52
N ARG B 435 -23.18 -16.84 6.20
CA ARG B 435 -23.15 -17.34 4.82
C ARG B 435 -22.76 -18.82 4.88
N THR B 436 -23.57 -19.74 4.35
CA THR B 436 -24.86 -19.50 3.69
C THR B 436 -24.75 -18.71 2.39
#